data_1ESS
# 
_entry.id   1ESS 
# 
_audit_conform.dict_name       mmcif_pdbx.dic 
_audit_conform.dict_version    5.392 
_audit_conform.dict_location   http://mmcif.pdb.org/dictionaries/ascii/mmcif_pdbx.dic 
# 
loop_
_database_2.database_id 
_database_2.database_code 
_database_2.pdbx_database_accession 
_database_2.pdbx_DOI 
PDB   1ESS         pdb_00001ess 10.2210/pdb1ess/pdb 
WWPDB D_1000173154 ?            ?                   
# 
loop_
_pdbx_audit_revision_history.ordinal 
_pdbx_audit_revision_history.data_content_type 
_pdbx_audit_revision_history.major_revision 
_pdbx_audit_revision_history.minor_revision 
_pdbx_audit_revision_history.revision_date 
1 'Structure model' 1 0 1997-09-17 
2 'Structure model' 1 1 2008-03-24 
3 'Structure model' 1 2 2011-07-13 
4 'Structure model' 1 3 2022-02-16 
5 'Structure model' 1 4 2024-05-22 
# 
_pdbx_audit_revision_details.ordinal             1 
_pdbx_audit_revision_details.revision_ordinal    1 
_pdbx_audit_revision_details.data_content_type   'Structure model' 
_pdbx_audit_revision_details.provider            repository 
_pdbx_audit_revision_details.type                'Initial release' 
_pdbx_audit_revision_details.description         ? 
_pdbx_audit_revision_details.details             ? 
# 
loop_
_pdbx_audit_revision_group.ordinal 
_pdbx_audit_revision_group.revision_ordinal 
_pdbx_audit_revision_group.data_content_type 
_pdbx_audit_revision_group.group 
1 2 'Structure model' 'Version format compliance' 
2 3 'Structure model' 'Version format compliance' 
3 4 'Structure model' Advisory                    
4 4 'Structure model' 'Data collection'           
5 4 'Structure model' 'Database references'       
6 4 'Structure model' 'Derived calculations'      
7 4 'Structure model' Other                       
8 5 'Structure model' 'Data collection'           
# 
loop_
_pdbx_audit_revision_category.ordinal 
_pdbx_audit_revision_category.revision_ordinal 
_pdbx_audit_revision_category.data_content_type 
_pdbx_audit_revision_category.category 
1  4 'Structure model' database_2                   
2  4 'Structure model' pdbx_database_status         
3  4 'Structure model' pdbx_nmr_software            
4  4 'Structure model' pdbx_struct_assembly         
5  4 'Structure model' pdbx_struct_oper_list        
6  4 'Structure model' pdbx_unobs_or_zero_occ_atoms 
7  4 'Structure model' struct_conn                  
8  4 'Structure model' struct_site                  
9  5 'Structure model' chem_comp_atom               
10 5 'Structure model' chem_comp_bond               
# 
loop_
_pdbx_audit_revision_item.ordinal 
_pdbx_audit_revision_item.revision_ordinal 
_pdbx_audit_revision_item.data_content_type 
_pdbx_audit_revision_item.item 
1  4 'Structure model' '_database_2.pdbx_DOI'                
2  4 'Structure model' '_database_2.pdbx_database_accession' 
3  4 'Structure model' '_pdbx_database_status.process_site'  
4  4 'Structure model' '_pdbx_nmr_software.name'             
5  4 'Structure model' '_struct_conn.pdbx_leaving_atom_flag' 
6  4 'Structure model' '_struct_conn.ptnr1_auth_comp_id'     
7  4 'Structure model' '_struct_conn.ptnr1_auth_seq_id'      
8  4 'Structure model' '_struct_conn.ptnr1_label_asym_id'    
9  4 'Structure model' '_struct_conn.ptnr1_label_atom_id'    
10 4 'Structure model' '_struct_conn.ptnr1_label_comp_id'    
11 4 'Structure model' '_struct_conn.ptnr1_label_seq_id'     
12 4 'Structure model' '_struct_conn.ptnr2_auth_comp_id'     
13 4 'Structure model' '_struct_conn.ptnr2_auth_seq_id'      
14 4 'Structure model' '_struct_conn.ptnr2_label_asym_id'    
15 4 'Structure model' '_struct_conn.ptnr2_label_atom_id'    
16 4 'Structure model' '_struct_conn.ptnr2_label_comp_id'    
17 4 'Structure model' '_struct_conn.ptnr2_label_seq_id'     
18 4 'Structure model' '_struct_site.pdbx_auth_asym_id'      
19 4 'Structure model' '_struct_site.pdbx_auth_comp_id'      
20 4 'Structure model' '_struct_site.pdbx_auth_seq_id'       
# 
_pdbx_database_status.status_code                     REL 
_pdbx_database_status.entry_id                        1ESS 
_pdbx_database_status.recvd_initial_deposition_date   1997-06-17 
_pdbx_database_status.deposit_site                    ? 
_pdbx_database_status.process_site                    BNL 
_pdbx_database_status.SG_entry                        . 
_pdbx_database_status.pdb_format_compatible           Y 
_pdbx_database_status.status_code_mr                  ? 
_pdbx_database_status.status_code_sf                  ? 
_pdbx_database_status.status_code_cs                  ? 
_pdbx_database_status.status_code_nmr_data            ? 
_pdbx_database_status.methods_development_category    ? 
# 
loop_
_audit_author.name 
_audit_author.pdbx_ordinal 
'Denisov, A.'        1 
'Sandstrom, A.'      2 
'Maltseva, T.'       3 
'Pyshnyi, D.'        4 
'Ivanova, E.'        5 
'Zarytova, V.'       6 
'Chattopadhyaya, J.' 7 
# 
_citation.id                        primary 
_citation.title                     
;The NMR structure of estrone (Es)-tethered tandem DNA duplex: [d(5'pCAGCp3')-Es] + [Es-d(5'pTCCA3')]: d(5'pTGGAGCTG3').
;
_citation.journal_abbrev            J.Biomol.Struct.Dyn. 
_citation.journal_volume            15 
_citation.page_first                499 
_citation.page_last                 516 
_citation.year                      1997 
_citation.journal_id_ASTM           JBSDD6 
_citation.country                   US 
_citation.journal_id_ISSN           0739-1102 
_citation.journal_id_CSD            0646 
_citation.book_publisher            ? 
_citation.pdbx_database_id_PubMed   9439997 
_citation.pdbx_database_id_DOI      ? 
# 
loop_
_citation_author.citation_id 
_citation_author.name 
_citation_author.ordinal 
_citation_author.identifier_ORCID 
primary 'Denisov, A.Y.'      1 ? 
primary 'Sandstrom, A.'      2 ? 
primary 'Maltseva, T.V.'     3 ? 
primary 'Pyshnyi, D.V.'      4 ? 
primary 'Ivanova, E.M.'      5 ? 
primary 'Zarytova, V.F.'     6 ? 
primary 'Chattopadhyaya, J.' 7 ? 
# 
loop_
_entity.id 
_entity.type 
_entity.src_method 
_entity.pdbx_description 
_entity.formula_weight 
_entity.pdbx_number_of_molecules 
_entity.pdbx_ec 
_entity.pdbx_mutation 
_entity.pdbx_fragment 
_entity.details 
1 polymer     syn 
;DNA (5'-D(P*TP*GP*GP*AP*GP*CP*TP*G)-3')
;
2482.640 1 ? ? ? ? 
2 polymer     syn 
;DNA (5'-D(P*CP*AP*GP*C)-3')
;
1175.819 1 ? ? ? ? 
3 polymer     syn 
;DNA (5'-D(P*TP*CP*CP*A)-3')
;
1150.806 1 ? ? ? ? 
4 non-polymer syn O3-PHOSPHONOESTRONE                       350.346  2 ? ? ? ? 
# 
loop_
_entity_poly.entity_id 
_entity_poly.type 
_entity_poly.nstd_linkage 
_entity_poly.nstd_monomer 
_entity_poly.pdbx_seq_one_letter_code 
_entity_poly.pdbx_seq_one_letter_code_can 
_entity_poly.pdbx_strand_id 
_entity_poly.pdbx_target_identifier 
1 polydeoxyribonucleotide no no '(DT)(DG)(DG)(DA)(DG)(DC)(DT)(DG)' TGGAGCTG A ? 
2 polydeoxyribonucleotide no no '(DC)(DA)(DG)(DC)'                 CAGC     B ? 
3 polydeoxyribonucleotide no no '(DT)(DC)(DC)(DA)'                 TCCA     C ? 
# 
_pdbx_entity_nonpoly.entity_id   4 
_pdbx_entity_nonpoly.name        O3-PHOSPHONOESTRONE 
_pdbx_entity_nonpoly.comp_id     ESO 
# 
loop_
_entity_poly_seq.entity_id 
_entity_poly_seq.num 
_entity_poly_seq.mon_id 
_entity_poly_seq.hetero 
1 1 DT n 
1 2 DG n 
1 3 DG n 
1 4 DA n 
1 5 DG n 
1 6 DC n 
1 7 DT n 
1 8 DG n 
2 1 DC n 
2 2 DA n 
2 3 DG n 
2 4 DC n 
3 1 DT n 
3 2 DC n 
3 3 DC n 
3 4 DA n 
# 
loop_
_chem_comp.id 
_chem_comp.type 
_chem_comp.mon_nstd_flag 
_chem_comp.name 
_chem_comp.pdbx_synonyms 
_chem_comp.formula 
_chem_comp.formula_weight 
DA  'DNA linking' y "2'-DEOXYADENOSINE-5'-MONOPHOSPHATE" ? 'C10 H14 N5 O6 P' 331.222 
DC  'DNA linking' y "2'-DEOXYCYTIDINE-5'-MONOPHOSPHATE"  ? 'C9 H14 N3 O7 P'  307.197 
DG  'DNA linking' y "2'-DEOXYGUANOSINE-5'-MONOPHOSPHATE" ? 'C10 H14 N5 O7 P' 347.221 
DT  'DNA linking' y "THYMIDINE-5'-MONOPHOSPHATE"         ? 'C10 H15 N2 O8 P' 322.208 
ESO non-polymer   . O3-PHOSPHONOESTRONE                  ? 'C18 H23 O5 P'    350.346 
# 
loop_
_pdbx_poly_seq_scheme.asym_id 
_pdbx_poly_seq_scheme.entity_id 
_pdbx_poly_seq_scheme.seq_id 
_pdbx_poly_seq_scheme.mon_id 
_pdbx_poly_seq_scheme.ndb_seq_num 
_pdbx_poly_seq_scheme.pdb_seq_num 
_pdbx_poly_seq_scheme.auth_seq_num 
_pdbx_poly_seq_scheme.pdb_mon_id 
_pdbx_poly_seq_scheme.auth_mon_id 
_pdbx_poly_seq_scheme.pdb_strand_id 
_pdbx_poly_seq_scheme.pdb_ins_code 
_pdbx_poly_seq_scheme.hetero 
A 1 1 DT 1 1  1  DT T A . n 
A 1 2 DG 2 2  2  DG G A . n 
A 1 3 DG 3 3  3  DG G A . n 
A 1 4 DA 4 4  4  DA A A . n 
A 1 5 DG 5 5  5  DG G A . n 
A 1 6 DC 6 6  6  DC C A . n 
A 1 7 DT 7 7  7  DT T A . n 
A 1 8 DG 8 8  8  DG G A . n 
B 2 1 DC 1 9  9  DC C B . n 
B 2 2 DA 2 10 10 DA A B . n 
B 2 3 DG 3 11 11 DG G B . n 
B 2 4 DC 4 12 12 DC C B . n 
C 3 1 DT 1 13 13 DT T C . n 
C 3 2 DC 2 14 14 DC C C . n 
C 3 3 DC 3 15 15 DC C C . n 
C 3 4 DA 4 16 16 DA A C . n 
# 
loop_
_pdbx_nonpoly_scheme.asym_id 
_pdbx_nonpoly_scheme.entity_id 
_pdbx_nonpoly_scheme.mon_id 
_pdbx_nonpoly_scheme.ndb_seq_num 
_pdbx_nonpoly_scheme.pdb_seq_num 
_pdbx_nonpoly_scheme.auth_seq_num 
_pdbx_nonpoly_scheme.pdb_mon_id 
_pdbx_nonpoly_scheme.auth_mon_id 
_pdbx_nonpoly_scheme.pdb_strand_id 
_pdbx_nonpoly_scheme.pdb_ins_code 
D 4 ESO 1 17 17 ESO ESO B . 
E 4 ESO 1 18 18 ESO ESO C . 
# 
_software.name             AMBER 
_software.classification   refinement 
_software.version          . 
_software.citation_id      ? 
_software.pdbx_ordinal     1 
# 
_cell.entry_id           1ESS 
_cell.length_a           1.000 
_cell.length_b           1.000 
_cell.length_c           1.000 
_cell.angle_alpha        90.00 
_cell.angle_beta         90.00 
_cell.angle_gamma        90.00 
_cell.Z_PDB              1 
_cell.pdbx_unique_axis   ? 
# 
_symmetry.entry_id                         1ESS 
_symmetry.space_group_name_H-M             'P 1' 
_symmetry.pdbx_full_space_group_name_H-M   ? 
_symmetry.cell_setting                     ? 
_symmetry.Int_Tables_number                1 
# 
_exptl.entry_id          1ESS 
_exptl.method            'SOLUTION NMR' 
_exptl.crystals_number   ? 
# 
_struct.entry_id                  1ESS 
_struct.title                     'STEROID TETHERED DNA, NMR, MINIMIZED AVERAGE STRUCTURE' 
_struct.pdbx_model_details        ? 
_struct.pdbx_CASP_flag            ? 
_struct.pdbx_model_type_details   ? 
# 
_struct_keywords.entry_id        1ESS 
_struct_keywords.pdbx_keywords   DNA 
_struct_keywords.text            'DEOXYRIBONUCLEIC ACID, ESTRONE, DNA, STEROID TETHERED' 
# 
loop_
_struct_asym.id 
_struct_asym.pdbx_blank_PDB_chainid_flag 
_struct_asym.pdbx_modified 
_struct_asym.entity_id 
_struct_asym.details 
A N N 1 ? 
B N N 2 ? 
C N N 3 ? 
D N N 4 ? 
E N N 4 ? 
# 
loop_
_struct_ref.id 
_struct_ref.entity_id 
_struct_ref.db_name 
_struct_ref.db_code 
_struct_ref.pdbx_db_accession 
_struct_ref.pdbx_db_isoform 
_struct_ref.pdbx_seq_one_letter_code 
_struct_ref.pdbx_align_begin 
1 1 PDB 1ESS 1ESS ? ? ? 
2 2 PDB 1ESS 1ESS ? ? ? 
3 3 PDB 1ESS 1ESS ? ? ? 
# 
loop_
_struct_ref_seq.align_id 
_struct_ref_seq.ref_id 
_struct_ref_seq.pdbx_PDB_id_code 
_struct_ref_seq.pdbx_strand_id 
_struct_ref_seq.seq_align_beg 
_struct_ref_seq.pdbx_seq_align_beg_ins_code 
_struct_ref_seq.seq_align_end 
_struct_ref_seq.pdbx_seq_align_end_ins_code 
_struct_ref_seq.pdbx_db_accession 
_struct_ref_seq.db_align_beg 
_struct_ref_seq.pdbx_db_align_beg_ins_code 
_struct_ref_seq.db_align_end 
_struct_ref_seq.pdbx_db_align_end_ins_code 
_struct_ref_seq.pdbx_auth_seq_align_beg 
_struct_ref_seq.pdbx_auth_seq_align_end 
1 1 1ESS A 1 ? 8 ? 1ESS 1  ? 8  ? 1  8  
2 2 1ESS B 1 ? 4 ? 1ESS 9  ? 12 ? 9  12 
3 3 1ESS C 1 ? 4 ? 1ESS 13 ? 16 ? 13 16 
# 
_pdbx_struct_assembly.id                   1 
_pdbx_struct_assembly.details              author_defined_assembly 
_pdbx_struct_assembly.method_details       ? 
_pdbx_struct_assembly.oligomeric_details   trimeric 
_pdbx_struct_assembly.oligomeric_count     3 
# 
_pdbx_struct_assembly_gen.assembly_id       1 
_pdbx_struct_assembly_gen.oper_expression   1 
_pdbx_struct_assembly_gen.asym_id_list      A,B,C,D,E 
# 
_pdbx_struct_oper_list.id                   1 
_pdbx_struct_oper_list.type                 'identity operation' 
_pdbx_struct_oper_list.name                 1_555 
_pdbx_struct_oper_list.symmetry_operation   x,y,z 
_pdbx_struct_oper_list.matrix[1][1]         1.0000000000 
_pdbx_struct_oper_list.matrix[1][2]         0.0000000000 
_pdbx_struct_oper_list.matrix[1][3]         0.0000000000 
_pdbx_struct_oper_list.vector[1]            0.0000000000 
_pdbx_struct_oper_list.matrix[2][1]         0.0000000000 
_pdbx_struct_oper_list.matrix[2][2]         1.0000000000 
_pdbx_struct_oper_list.matrix[2][3]         0.0000000000 
_pdbx_struct_oper_list.vector[2]            0.0000000000 
_pdbx_struct_oper_list.matrix[3][1]         0.0000000000 
_pdbx_struct_oper_list.matrix[3][2]         0.0000000000 
_pdbx_struct_oper_list.matrix[3][3]         1.0000000000 
_pdbx_struct_oper_list.vector[3]            0.0000000000 
# 
_struct_biol.id   1 
# 
loop_
_struct_conn.id 
_struct_conn.conn_type_id 
_struct_conn.pdbx_leaving_atom_flag 
_struct_conn.pdbx_PDB_id 
_struct_conn.ptnr1_label_asym_id 
_struct_conn.ptnr1_label_comp_id 
_struct_conn.ptnr1_label_seq_id 
_struct_conn.ptnr1_label_atom_id 
_struct_conn.pdbx_ptnr1_label_alt_id 
_struct_conn.pdbx_ptnr1_PDB_ins_code 
_struct_conn.pdbx_ptnr1_standard_comp_id 
_struct_conn.ptnr1_symmetry 
_struct_conn.ptnr2_label_asym_id 
_struct_conn.ptnr2_label_comp_id 
_struct_conn.ptnr2_label_seq_id 
_struct_conn.ptnr2_label_atom_id 
_struct_conn.pdbx_ptnr2_label_alt_id 
_struct_conn.pdbx_ptnr2_PDB_ins_code 
_struct_conn.ptnr1_auth_asym_id 
_struct_conn.ptnr1_auth_comp_id 
_struct_conn.ptnr1_auth_seq_id 
_struct_conn.ptnr2_auth_asym_id 
_struct_conn.ptnr2_auth_comp_id 
_struct_conn.ptnr2_auth_seq_id 
_struct_conn.ptnr2_symmetry 
_struct_conn.pdbx_ptnr3_label_atom_id 
_struct_conn.pdbx_ptnr3_label_seq_id 
_struct_conn.pdbx_ptnr3_label_comp_id 
_struct_conn.pdbx_ptnr3_label_asym_id 
_struct_conn.pdbx_ptnr3_label_alt_id 
_struct_conn.pdbx_ptnr3_PDB_ins_code 
_struct_conn.details 
_struct_conn.pdbx_dist_value 
_struct_conn.pdbx_value_order 
_struct_conn.pdbx_role 
covale1  covale both ? B DC 4 "O3'" ? ? ? 1_555 D ESO . P  ? ? B DC 12 B ESO 17 1_555 ? ? ? ? ? ? ?            1.642 ? ? 
covale2  covale one  ? C DT 1 P     ? ? ? 1_555 E ESO . O3 ? ? C DT 13 C ESO 18 1_555 ? ? ? ? ? ? ?            1.608 ? ? 
hydrog1  hydrog ?    ? A DT 1 N3    ? ? ? 1_555 C DA  4 N1 ? ? A DT 1  C DA  16 1_555 ? ? ? ? ? ? WATSON-CRICK ?     ? ? 
hydrog2  hydrog ?    ? A DT 1 O4    ? ? ? 1_555 C DA  4 N6 ? ? A DT 1  C DA  16 1_555 ? ? ? ? ? ? WATSON-CRICK ?     ? ? 
hydrog3  hydrog ?    ? A DG 2 N1    ? ? ? 1_555 C DC  3 N3 ? ? A DG 2  C DC  15 1_555 ? ? ? ? ? ? WATSON-CRICK ?     ? ? 
hydrog4  hydrog ?    ? A DG 2 N2    ? ? ? 1_555 C DC  3 O2 ? ? A DG 2  C DC  15 1_555 ? ? ? ? ? ? WATSON-CRICK ?     ? ? 
hydrog5  hydrog ?    ? A DG 2 O6    ? ? ? 1_555 C DC  3 N4 ? ? A DG 2  C DC  15 1_555 ? ? ? ? ? ? WATSON-CRICK ?     ? ? 
hydrog6  hydrog ?    ? A DG 3 N1    ? ? ? 1_555 C DC  2 N3 ? ? A DG 3  C DC  14 1_555 ? ? ? ? ? ? WATSON-CRICK ?     ? ? 
hydrog7  hydrog ?    ? A DG 3 N2    ? ? ? 1_555 C DC  2 O2 ? ? A DG 3  C DC  14 1_555 ? ? ? ? ? ? WATSON-CRICK ?     ? ? 
hydrog8  hydrog ?    ? A DG 3 O6    ? ? ? 1_555 C DC  2 N4 ? ? A DG 3  C DC  14 1_555 ? ? ? ? ? ? WATSON-CRICK ?     ? ? 
hydrog9  hydrog ?    ? A DA 4 N1    ? ? ? 1_555 C DT  1 N3 ? ? A DA 4  C DT  13 1_555 ? ? ? ? ? ? WATSON-CRICK ?     ? ? 
hydrog10 hydrog ?    ? A DA 4 N6    ? ? ? 1_555 C DT  1 O4 ? ? A DA 4  C DT  13 1_555 ? ? ? ? ? ? WATSON-CRICK ?     ? ? 
hydrog11 hydrog ?    ? A DG 5 N1    ? ? ? 1_555 B DC  4 N3 ? ? A DG 5  B DC  12 1_555 ? ? ? ? ? ? WATSON-CRICK ?     ? ? 
hydrog12 hydrog ?    ? A DG 5 N2    ? ? ? 1_555 B DC  4 O2 ? ? A DG 5  B DC  12 1_555 ? ? ? ? ? ? WATSON-CRICK ?     ? ? 
hydrog13 hydrog ?    ? A DG 5 O6    ? ? ? 1_555 B DC  4 N4 ? ? A DG 5  B DC  12 1_555 ? ? ? ? ? ? WATSON-CRICK ?     ? ? 
hydrog14 hydrog ?    ? A DC 6 N3    ? ? ? 1_555 B DG  3 N1 ? ? A DC 6  B DG  11 1_555 ? ? ? ? ? ? WATSON-CRICK ?     ? ? 
hydrog15 hydrog ?    ? A DC 6 N4    ? ? ? 1_555 B DG  3 O6 ? ? A DC 6  B DG  11 1_555 ? ? ? ? ? ? WATSON-CRICK ?     ? ? 
hydrog16 hydrog ?    ? A DC 6 O2    ? ? ? 1_555 B DG  3 N2 ? ? A DC 6  B DG  11 1_555 ? ? ? ? ? ? WATSON-CRICK ?     ? ? 
hydrog17 hydrog ?    ? A DT 7 N3    ? ? ? 1_555 B DA  2 N1 ? ? A DT 7  B DA  10 1_555 ? ? ? ? ? ? WATSON-CRICK ?     ? ? 
hydrog18 hydrog ?    ? A DT 7 O4    ? ? ? 1_555 B DA  2 N6 ? ? A DT 7  B DA  10 1_555 ? ? ? ? ? ? WATSON-CRICK ?     ? ? 
hydrog19 hydrog ?    ? A DG 8 N1    ? ? ? 1_555 B DC  1 N3 ? ? A DG 8  B DC  9  1_555 ? ? ? ? ? ? WATSON-CRICK ?     ? ? 
hydrog20 hydrog ?    ? A DG 8 N2    ? ? ? 1_555 B DC  1 O2 ? ? A DG 8  B DC  9  1_555 ? ? ? ? ? ? WATSON-CRICK ?     ? ? 
hydrog21 hydrog ?    ? A DG 8 O6    ? ? ? 1_555 B DC  1 N4 ? ? A DG 8  B DC  9  1_555 ? ? ? ? ? ? WATSON-CRICK ?     ? ? 
# 
loop_
_struct_conn_type.id 
_struct_conn_type.criteria 
_struct_conn_type.reference 
covale ? ? 
hydrog ? ? 
# 
loop_
_struct_site.id 
_struct_site.pdbx_evidence_code 
_struct_site.pdbx_auth_asym_id 
_struct_site.pdbx_auth_comp_id 
_struct_site.pdbx_auth_seq_id 
_struct_site.pdbx_auth_ins_code 
_struct_site.pdbx_num_residues 
_struct_site.details 
AC1 Software B ESO 17 ? 2 'BINDING SITE FOR RESIDUE ESO B 17' 
AC2 Software C ESO 18 ? 2 'BINDING SITE FOR RESIDUE ESO C 18' 
# 
loop_
_struct_site_gen.id 
_struct_site_gen.site_id 
_struct_site_gen.pdbx_num_res 
_struct_site_gen.label_comp_id 
_struct_site_gen.label_asym_id 
_struct_site_gen.label_seq_id 
_struct_site_gen.pdbx_auth_ins_code 
_struct_site_gen.auth_comp_id 
_struct_site_gen.auth_asym_id 
_struct_site_gen.auth_seq_id 
_struct_site_gen.label_atom_id 
_struct_site_gen.label_alt_id 
_struct_site_gen.symmetry 
_struct_site_gen.details 
1 AC1 2 DG A 5 ? DG A 5  . ? 1_555 ? 
2 AC1 2 DC B 4 ? DC B 12 . ? 1_555 ? 
3 AC2 2 DA A 4 ? DA A 4  . ? 1_555 ? 
4 AC2 2 DT C 1 ? DT C 13 . ? 1_555 ? 
# 
loop_
_pdbx_validate_rmsd_angle.id 
_pdbx_validate_rmsd_angle.PDB_model_num 
_pdbx_validate_rmsd_angle.auth_atom_id_1 
_pdbx_validate_rmsd_angle.auth_asym_id_1 
_pdbx_validate_rmsd_angle.auth_comp_id_1 
_pdbx_validate_rmsd_angle.auth_seq_id_1 
_pdbx_validate_rmsd_angle.PDB_ins_code_1 
_pdbx_validate_rmsd_angle.label_alt_id_1 
_pdbx_validate_rmsd_angle.auth_atom_id_2 
_pdbx_validate_rmsd_angle.auth_asym_id_2 
_pdbx_validate_rmsd_angle.auth_comp_id_2 
_pdbx_validate_rmsd_angle.auth_seq_id_2 
_pdbx_validate_rmsd_angle.PDB_ins_code_2 
_pdbx_validate_rmsd_angle.label_alt_id_2 
_pdbx_validate_rmsd_angle.auth_atom_id_3 
_pdbx_validate_rmsd_angle.auth_asym_id_3 
_pdbx_validate_rmsd_angle.auth_comp_id_3 
_pdbx_validate_rmsd_angle.auth_seq_id_3 
_pdbx_validate_rmsd_angle.PDB_ins_code_3 
_pdbx_validate_rmsd_angle.label_alt_id_3 
_pdbx_validate_rmsd_angle.angle_value 
_pdbx_validate_rmsd_angle.angle_target_value 
_pdbx_validate_rmsd_angle.angle_deviation 
_pdbx_validate_rmsd_angle.angle_standard_deviation 
_pdbx_validate_rmsd_angle.linker_flag 
1  1 "O4'" A DT 1  ? ? "C1'" A DT 1  ? ? N1    A DT 1  ? ? 111.26 108.30 2.96  0.30 N 
2  1 "O4'" A DA 4  ? ? "C4'" A DA 4  ? ? "C3'" A DA 4  ? ? 110.96 106.00 4.96  0.60 N 
3  1 "O5'" A DG 5  ? ? "C5'" A DG 5  ? ? "C4'" A DG 5  ? ? 103.15 109.40 -6.25 0.80 N 
4  1 "O4'" A DT 7  ? ? "C1'" A DT 7  ? ? N1    A DT 7  ? ? 113.79 108.30 5.49  0.30 N 
5  1 C6    A DT 7  ? ? C5    A DT 7  ? ? C7    A DT 7  ? ? 119.05 122.90 -3.85 0.60 N 
6  1 "O4'" A DG 8  ? ? "C1'" A DG 8  ? ? N9    A DG 8  ? ? 115.58 108.30 7.28  0.30 N 
7  1 "O4'" B DA 10 ? ? "C1'" B DA 10 ? ? N9    B DA 10 ? ? 110.96 108.30 2.66  0.30 N 
8  1 "O4'" B DG 11 ? ? "C1'" B DG 11 ? ? N9    B DG 11 ? ? 110.74 108.30 2.44  0.30 N 
9  1 "O4'" B DC 12 ? ? "C1'" B DC 12 ? ? N1    B DC 12 ? ? 115.21 108.30 6.91  0.30 N 
10 1 C4    C DT 13 ? ? C5    C DT 13 ? ? C6    C DT 13 ? ? 121.66 118.00 3.66  0.60 N 
11 1 C6    C DT 13 ? ? C5    C DT 13 ? ? C7    C DT 13 ? ? 116.84 122.90 -6.06 0.60 N 
12 1 "O4'" C DC 15 ? ? "C1'" C DC 15 ? ? N1    C DC 15 ? ? 111.65 108.30 3.35  0.30 N 
# 
loop_
_pdbx_validate_planes.id 
_pdbx_validate_planes.PDB_model_num 
_pdbx_validate_planes.auth_comp_id 
_pdbx_validate_planes.auth_asym_id 
_pdbx_validate_planes.auth_seq_id 
_pdbx_validate_planes.PDB_ins_code 
_pdbx_validate_planes.label_alt_id 
_pdbx_validate_planes.rmsd 
_pdbx_validate_planes.type 
1 1 DT A 1  ? ? 0.067 'SIDE CHAIN' 
2 1 DA A 4  ? ? 0.144 'SIDE CHAIN' 
3 1 DG A 5  ? ? 0.076 'SIDE CHAIN' 
4 1 DG A 8  ? ? 0.058 'SIDE CHAIN' 
5 1 DC B 12 ? ? 0.070 'SIDE CHAIN' 
# 
_pdbx_nmr_ensemble.entry_id                             1ESS 
_pdbx_nmr_ensemble.conformers_calculated_total_number   17 
_pdbx_nmr_ensemble.conformers_submitted_total_number    1 
_pdbx_nmr_ensemble.conformer_selection_criteria         'LOWEST ENERGY, BEST AGREEMENT WITH NOE VOLUMES' 
# 
_pdbx_nmr_exptl_sample_conditions.conditions_id       1 
_pdbx_nmr_exptl_sample_conditions.temperature         293 
_pdbx_nmr_exptl_sample_conditions.pressure            ? 
_pdbx_nmr_exptl_sample_conditions.pH                  7.0 
_pdbx_nmr_exptl_sample_conditions.ionic_strength      ? 
_pdbx_nmr_exptl_sample_conditions.pressure_units      . 
_pdbx_nmr_exptl_sample_conditions.temperature_units   K 
# 
loop_
_pdbx_nmr_exptl.experiment_id 
_pdbx_nmr_exptl.conditions_id 
_pdbx_nmr_exptl.type 
_pdbx_nmr_exptl.solution_id 
1 1 NOESY    1 
2 1 DQF-COSY 1 
# 
_pdbx_nmr_refine.entry_id           1ESS 
_pdbx_nmr_refine.method             'RESTRAINED MD' 
_pdbx_nmr_refine.details            'REFINEMENT DETAILS CAN BE FOUND IN THE PAPER.' 
_pdbx_nmr_refine.software_ordinal   1 
# 
loop_
_pdbx_nmr_software.classification 
_pdbx_nmr_software.name 
_pdbx_nmr_software.version 
_pdbx_nmr_software.authors 
_pdbx_nmr_software.ordinal 
refinement           Amber     4.1 'PEARLMAN,CASE,CALDWELL,ROSS,CHEATHAM, FERGUSON,SEIBEL,SINGH,WEINER,KOLLMAN' 1 
'structure solution' AURELIA   ?   ?                                                                            2 
'structure solution' Amber     ?   ?                                                                            3 
'structure solution' MARDIGRAS ?   ?                                                                            4 
# 
loop_
_chem_comp_atom.comp_id 
_chem_comp_atom.atom_id 
_chem_comp_atom.type_symbol 
_chem_comp_atom.pdbx_aromatic_flag 
_chem_comp_atom.pdbx_stereo_config 
_chem_comp_atom.pdbx_ordinal 
DA  OP3    O N N 1   
DA  P      P N N 2   
DA  OP1    O N N 3   
DA  OP2    O N N 4   
DA  "O5'"  O N N 5   
DA  "C5'"  C N N 6   
DA  "C4'"  C N R 7   
DA  "O4'"  O N N 8   
DA  "C3'"  C N S 9   
DA  "O3'"  O N N 10  
DA  "C2'"  C N N 11  
DA  "C1'"  C N R 12  
DA  N9     N Y N 13  
DA  C8     C Y N 14  
DA  N7     N Y N 15  
DA  C5     C Y N 16  
DA  C6     C Y N 17  
DA  N6     N N N 18  
DA  N1     N Y N 19  
DA  C2     C Y N 20  
DA  N3     N Y N 21  
DA  C4     C Y N 22  
DA  HOP3   H N N 23  
DA  HOP2   H N N 24  
DA  "H5'"  H N N 25  
DA  "H5''" H N N 26  
DA  "H4'"  H N N 27  
DA  "H3'"  H N N 28  
DA  "HO3'" H N N 29  
DA  "H2'"  H N N 30  
DA  "H2''" H N N 31  
DA  "H1'"  H N N 32  
DA  H8     H N N 33  
DA  H61    H N N 34  
DA  H62    H N N 35  
DA  H2     H N N 36  
DC  OP3    O N N 37  
DC  P      P N N 38  
DC  OP1    O N N 39  
DC  OP2    O N N 40  
DC  "O5'"  O N N 41  
DC  "C5'"  C N N 42  
DC  "C4'"  C N R 43  
DC  "O4'"  O N N 44  
DC  "C3'"  C N S 45  
DC  "O3'"  O N N 46  
DC  "C2'"  C N N 47  
DC  "C1'"  C N R 48  
DC  N1     N N N 49  
DC  C2     C N N 50  
DC  O2     O N N 51  
DC  N3     N N N 52  
DC  C4     C N N 53  
DC  N4     N N N 54  
DC  C5     C N N 55  
DC  C6     C N N 56  
DC  HOP3   H N N 57  
DC  HOP2   H N N 58  
DC  "H5'"  H N N 59  
DC  "H5''" H N N 60  
DC  "H4'"  H N N 61  
DC  "H3'"  H N N 62  
DC  "HO3'" H N N 63  
DC  "H2'"  H N N 64  
DC  "H2''" H N N 65  
DC  "H1'"  H N N 66  
DC  H41    H N N 67  
DC  H42    H N N 68  
DC  H5     H N N 69  
DC  H6     H N N 70  
DG  OP3    O N N 71  
DG  P      P N N 72  
DG  OP1    O N N 73  
DG  OP2    O N N 74  
DG  "O5'"  O N N 75  
DG  "C5'"  C N N 76  
DG  "C4'"  C N R 77  
DG  "O4'"  O N N 78  
DG  "C3'"  C N S 79  
DG  "O3'"  O N N 80  
DG  "C2'"  C N N 81  
DG  "C1'"  C N R 82  
DG  N9     N Y N 83  
DG  C8     C Y N 84  
DG  N7     N Y N 85  
DG  C5     C Y N 86  
DG  C6     C N N 87  
DG  O6     O N N 88  
DG  N1     N N N 89  
DG  C2     C N N 90  
DG  N2     N N N 91  
DG  N3     N N N 92  
DG  C4     C Y N 93  
DG  HOP3   H N N 94  
DG  HOP2   H N N 95  
DG  "H5'"  H N N 96  
DG  "H5''" H N N 97  
DG  "H4'"  H N N 98  
DG  "H3'"  H N N 99  
DG  "HO3'" H N N 100 
DG  "H2'"  H N N 101 
DG  "H2''" H N N 102 
DG  "H1'"  H N N 103 
DG  H8     H N N 104 
DG  H1     H N N 105 
DG  H21    H N N 106 
DG  H22    H N N 107 
DT  OP3    O N N 108 
DT  P      P N N 109 
DT  OP1    O N N 110 
DT  OP2    O N N 111 
DT  "O5'"  O N N 112 
DT  "C5'"  C N N 113 
DT  "C4'"  C N R 114 
DT  "O4'"  O N N 115 
DT  "C3'"  C N S 116 
DT  "O3'"  O N N 117 
DT  "C2'"  C N N 118 
DT  "C1'"  C N R 119 
DT  N1     N N N 120 
DT  C2     C N N 121 
DT  O2     O N N 122 
DT  N3     N N N 123 
DT  C4     C N N 124 
DT  O4     O N N 125 
DT  C5     C N N 126 
DT  C7     C N N 127 
DT  C6     C N N 128 
DT  HOP3   H N N 129 
DT  HOP2   H N N 130 
DT  "H5'"  H N N 131 
DT  "H5''" H N N 132 
DT  "H4'"  H N N 133 
DT  "H3'"  H N N 134 
DT  "HO3'" H N N 135 
DT  "H2'"  H N N 136 
DT  "H2''" H N N 137 
DT  "H1'"  H N N 138 
DT  H3     H N N 139 
DT  H71    H N N 140 
DT  H72    H N N 141 
DT  H73    H N N 142 
DT  H6     H N N 143 
ESO C1     C Y N 144 
ESO C2     C Y N 145 
ESO C3     C Y N 146 
ESO O3     O N N 147 
ESO P      P N N 148 
ESO O1P    O N N 149 
ESO O2P    O N N 150 
ESO O3P    O N N 151 
ESO C4     C Y N 152 
ESO C5     C Y N 153 
ESO C6     C N N 154 
ESO C7     C N N 155 
ESO C8     C N S 156 
ESO C9     C N S 157 
ESO C10    C Y N 158 
ESO C11    C N N 159 
ESO C12    C N N 160 
ESO C13    C N S 161 
ESO C14    C N S 162 
ESO C15    C N N 163 
ESO C16    C N N 164 
ESO C17    C N N 165 
ESO O17    O N N 166 
ESO C18    C N N 167 
ESO H1     H N N 168 
ESO H2     H N N 169 
ESO HOP2   H N N 170 
ESO HOP3   H N N 171 
ESO H4     H N N 172 
ESO H61    H N N 173 
ESO H62    H N N 174 
ESO H71    H N N 175 
ESO H72    H N N 176 
ESO H8     H N N 177 
ESO H9     H N N 178 
ESO H111   H N N 179 
ESO H112   H N N 180 
ESO H121   H N N 181 
ESO H122   H N N 182 
ESO H14    H N N 183 
ESO H151   H N N 184 
ESO H152   H N N 185 
ESO H161   H N N 186 
ESO H162   H N N 187 
ESO H181   H N N 188 
ESO H182   H N N 189 
ESO H183   H N N 190 
# 
loop_
_chem_comp_bond.comp_id 
_chem_comp_bond.atom_id_1 
_chem_comp_bond.atom_id_2 
_chem_comp_bond.value_order 
_chem_comp_bond.pdbx_aromatic_flag 
_chem_comp_bond.pdbx_stereo_config 
_chem_comp_bond.pdbx_ordinal 
DA  OP3   P      sing N N 1   
DA  OP3   HOP3   sing N N 2   
DA  P     OP1    doub N N 3   
DA  P     OP2    sing N N 4   
DA  P     "O5'"  sing N N 5   
DA  OP2   HOP2   sing N N 6   
DA  "O5'" "C5'"  sing N N 7   
DA  "C5'" "C4'"  sing N N 8   
DA  "C5'" "H5'"  sing N N 9   
DA  "C5'" "H5''" sing N N 10  
DA  "C4'" "O4'"  sing N N 11  
DA  "C4'" "C3'"  sing N N 12  
DA  "C4'" "H4'"  sing N N 13  
DA  "O4'" "C1'"  sing N N 14  
DA  "C3'" "O3'"  sing N N 15  
DA  "C3'" "C2'"  sing N N 16  
DA  "C3'" "H3'"  sing N N 17  
DA  "O3'" "HO3'" sing N N 18  
DA  "C2'" "C1'"  sing N N 19  
DA  "C2'" "H2'"  sing N N 20  
DA  "C2'" "H2''" sing N N 21  
DA  "C1'" N9     sing N N 22  
DA  "C1'" "H1'"  sing N N 23  
DA  N9    C8     sing Y N 24  
DA  N9    C4     sing Y N 25  
DA  C8    N7     doub Y N 26  
DA  C8    H8     sing N N 27  
DA  N7    C5     sing Y N 28  
DA  C5    C6     sing Y N 29  
DA  C5    C4     doub Y N 30  
DA  C6    N6     sing N N 31  
DA  C6    N1     doub Y N 32  
DA  N6    H61    sing N N 33  
DA  N6    H62    sing N N 34  
DA  N1    C2     sing Y N 35  
DA  C2    N3     doub Y N 36  
DA  C2    H2     sing N N 37  
DA  N3    C4     sing Y N 38  
DC  OP3   P      sing N N 39  
DC  OP3   HOP3   sing N N 40  
DC  P     OP1    doub N N 41  
DC  P     OP2    sing N N 42  
DC  P     "O5'"  sing N N 43  
DC  OP2   HOP2   sing N N 44  
DC  "O5'" "C5'"  sing N N 45  
DC  "C5'" "C4'"  sing N N 46  
DC  "C5'" "H5'"  sing N N 47  
DC  "C5'" "H5''" sing N N 48  
DC  "C4'" "O4'"  sing N N 49  
DC  "C4'" "C3'"  sing N N 50  
DC  "C4'" "H4'"  sing N N 51  
DC  "O4'" "C1'"  sing N N 52  
DC  "C3'" "O3'"  sing N N 53  
DC  "C3'" "C2'"  sing N N 54  
DC  "C3'" "H3'"  sing N N 55  
DC  "O3'" "HO3'" sing N N 56  
DC  "C2'" "C1'"  sing N N 57  
DC  "C2'" "H2'"  sing N N 58  
DC  "C2'" "H2''" sing N N 59  
DC  "C1'" N1     sing N N 60  
DC  "C1'" "H1'"  sing N N 61  
DC  N1    C2     sing N N 62  
DC  N1    C6     sing N N 63  
DC  C2    O2     doub N N 64  
DC  C2    N3     sing N N 65  
DC  N3    C4     doub N N 66  
DC  C4    N4     sing N N 67  
DC  C4    C5     sing N N 68  
DC  N4    H41    sing N N 69  
DC  N4    H42    sing N N 70  
DC  C5    C6     doub N N 71  
DC  C5    H5     sing N N 72  
DC  C6    H6     sing N N 73  
DG  OP3   P      sing N N 74  
DG  OP3   HOP3   sing N N 75  
DG  P     OP1    doub N N 76  
DG  P     OP2    sing N N 77  
DG  P     "O5'"  sing N N 78  
DG  OP2   HOP2   sing N N 79  
DG  "O5'" "C5'"  sing N N 80  
DG  "C5'" "C4'"  sing N N 81  
DG  "C5'" "H5'"  sing N N 82  
DG  "C5'" "H5''" sing N N 83  
DG  "C4'" "O4'"  sing N N 84  
DG  "C4'" "C3'"  sing N N 85  
DG  "C4'" "H4'"  sing N N 86  
DG  "O4'" "C1'"  sing N N 87  
DG  "C3'" "O3'"  sing N N 88  
DG  "C3'" "C2'"  sing N N 89  
DG  "C3'" "H3'"  sing N N 90  
DG  "O3'" "HO3'" sing N N 91  
DG  "C2'" "C1'"  sing N N 92  
DG  "C2'" "H2'"  sing N N 93  
DG  "C2'" "H2''" sing N N 94  
DG  "C1'" N9     sing N N 95  
DG  "C1'" "H1'"  sing N N 96  
DG  N9    C8     sing Y N 97  
DG  N9    C4     sing Y N 98  
DG  C8    N7     doub Y N 99  
DG  C8    H8     sing N N 100 
DG  N7    C5     sing Y N 101 
DG  C5    C6     sing N N 102 
DG  C5    C4     doub Y N 103 
DG  C6    O6     doub N N 104 
DG  C6    N1     sing N N 105 
DG  N1    C2     sing N N 106 
DG  N1    H1     sing N N 107 
DG  C2    N2     sing N N 108 
DG  C2    N3     doub N N 109 
DG  N2    H21    sing N N 110 
DG  N2    H22    sing N N 111 
DG  N3    C4     sing N N 112 
DT  OP3   P      sing N N 113 
DT  OP3   HOP3   sing N N 114 
DT  P     OP1    doub N N 115 
DT  P     OP2    sing N N 116 
DT  P     "O5'"  sing N N 117 
DT  OP2   HOP2   sing N N 118 
DT  "O5'" "C5'"  sing N N 119 
DT  "C5'" "C4'"  sing N N 120 
DT  "C5'" "H5'"  sing N N 121 
DT  "C5'" "H5''" sing N N 122 
DT  "C4'" "O4'"  sing N N 123 
DT  "C4'" "C3'"  sing N N 124 
DT  "C4'" "H4'"  sing N N 125 
DT  "O4'" "C1'"  sing N N 126 
DT  "C3'" "O3'"  sing N N 127 
DT  "C3'" "C2'"  sing N N 128 
DT  "C3'" "H3'"  sing N N 129 
DT  "O3'" "HO3'" sing N N 130 
DT  "C2'" "C1'"  sing N N 131 
DT  "C2'" "H2'"  sing N N 132 
DT  "C2'" "H2''" sing N N 133 
DT  "C1'" N1     sing N N 134 
DT  "C1'" "H1'"  sing N N 135 
DT  N1    C2     sing N N 136 
DT  N1    C6     sing N N 137 
DT  C2    O2     doub N N 138 
DT  C2    N3     sing N N 139 
DT  N3    C4     sing N N 140 
DT  N3    H3     sing N N 141 
DT  C4    O4     doub N N 142 
DT  C4    C5     sing N N 143 
DT  C5    C7     sing N N 144 
DT  C5    C6     doub N N 145 
DT  C7    H71    sing N N 146 
DT  C7    H72    sing N N 147 
DT  C7    H73    sing N N 148 
DT  C6    H6     sing N N 149 
ESO C1    C2     doub Y N 150 
ESO C1    C10    sing Y N 151 
ESO C1    H1     sing N N 152 
ESO C2    C3     sing Y N 153 
ESO C2    H2     sing N N 154 
ESO C3    O3     sing N N 155 
ESO C3    C4     doub Y N 156 
ESO O3    P      sing N N 157 
ESO P     O1P    doub N N 158 
ESO P     O2P    sing N N 159 
ESO P     O3P    sing N N 160 
ESO O2P   HOP2   sing N N 161 
ESO O3P   HOP3   sing N N 162 
ESO C4    C5     sing Y N 163 
ESO C4    H4     sing N N 164 
ESO C5    C6     sing N N 165 
ESO C5    C10    doub Y N 166 
ESO C6    C7     sing N N 167 
ESO C6    H61    sing N N 168 
ESO C6    H62    sing N N 169 
ESO C7    C8     sing N N 170 
ESO C7    H71    sing N N 171 
ESO C7    H72    sing N N 172 
ESO C8    C9     sing N N 173 
ESO C8    C14    sing N N 174 
ESO C8    H8     sing N N 175 
ESO C9    C10    sing N N 176 
ESO C9    C11    sing N N 177 
ESO C9    H9     sing N N 178 
ESO C11   C12    sing N N 179 
ESO C11   H111   sing N N 180 
ESO C11   H112   sing N N 181 
ESO C12   C13    sing N N 182 
ESO C12   H121   sing N N 183 
ESO C12   H122   sing N N 184 
ESO C13   C14    sing N N 185 
ESO C13   C17    sing N N 186 
ESO C13   C18    sing N N 187 
ESO C14   C15    sing N N 188 
ESO C14   H14    sing N N 189 
ESO C15   C16    sing N N 190 
ESO C15   H151   sing N N 191 
ESO C15   H152   sing N N 192 
ESO C16   C17    sing N N 193 
ESO C16   H161   sing N N 194 
ESO C16   H162   sing N N 195 
ESO C17   O17    doub N N 196 
ESO C18   H181   sing N N 197 
ESO C18   H182   sing N N 198 
ESO C18   H183   sing N N 199 
# 
loop_
_ndb_struct_conf_na.entry_id 
_ndb_struct_conf_na.feature 
1ESS 'double helix'        
1ESS 'b-form double helix' 
# 
loop_
_ndb_struct_na_base_pair.model_number 
_ndb_struct_na_base_pair.i_label_asym_id 
_ndb_struct_na_base_pair.i_label_comp_id 
_ndb_struct_na_base_pair.i_label_seq_id 
_ndb_struct_na_base_pair.i_symmetry 
_ndb_struct_na_base_pair.j_label_asym_id 
_ndb_struct_na_base_pair.j_label_comp_id 
_ndb_struct_na_base_pair.j_label_seq_id 
_ndb_struct_na_base_pair.j_symmetry 
_ndb_struct_na_base_pair.shear 
_ndb_struct_na_base_pair.stretch 
_ndb_struct_na_base_pair.stagger 
_ndb_struct_na_base_pair.buckle 
_ndb_struct_na_base_pair.propeller 
_ndb_struct_na_base_pair.opening 
_ndb_struct_na_base_pair.pair_number 
_ndb_struct_na_base_pair.pair_name 
_ndb_struct_na_base_pair.i_auth_asym_id 
_ndb_struct_na_base_pair.i_auth_seq_id 
_ndb_struct_na_base_pair.i_PDB_ins_code 
_ndb_struct_na_base_pair.j_auth_asym_id 
_ndb_struct_na_base_pair.j_auth_seq_id 
_ndb_struct_na_base_pair.j_PDB_ins_code 
_ndb_struct_na_base_pair.hbond_type_28 
_ndb_struct_na_base_pair.hbond_type_12 
1 A DT 1 1_555 C DA 4 1_555 -0.051 0.102  0.059  -12.766 -4.235  -3.884 1 A_DT1:DA16_C A 1 ? C 16 ? 20 1 
1 A DG 2 1_555 C DC 3 1_555 -0.492 -0.002 0.109  2.643   6.486   -0.101 2 A_DG2:DC15_C A 2 ? C 15 ? 19 1 
1 A DG 3 1_555 C DC 2 1_555 0.158  0.060  0.219  9.820   -0.301  -2.049 3 A_DG3:DC14_C A 3 ? C 14 ? 19 1 
1 A DA 4 1_555 C DT 1 1_555 0.906  0.082  0.378  10.491  -10.029 2.745  4 A_DA4:DT13_C A 4 ? C 13 ? 20 1 
1 A DG 5 1_555 B DC 4 1_555 -0.300 0.034  -0.031 -2.714  8.064   1.389  5 A_DG5:DC12_B A 5 ? B 12 ? 19 1 
1 A DC 6 1_555 B DG 3 1_555 0.422  -0.007 -0.030 -5.610  11.435  -1.991 6 A_DC6:DG11_B A 6 ? B 11 ? 19 1 
1 A DT 7 1_555 B DA 2 1_555 -0.531 0.124  -0.310 10.994  -4.943  -2.805 7 A_DT7:DA10_B A 7 ? B 10 ? 20 1 
1 A DG 8 1_555 B DC 1 1_555 -0.101 0.067  0.187  12.201  1.801   0.425  8 A_DG8:DC9_B  A 8 ? B 9  ? 19 1 
# 
loop_
_ndb_struct_na_base_pair_step.model_number 
_ndb_struct_na_base_pair_step.i_label_asym_id_1 
_ndb_struct_na_base_pair_step.i_label_comp_id_1 
_ndb_struct_na_base_pair_step.i_label_seq_id_1 
_ndb_struct_na_base_pair_step.i_symmetry_1 
_ndb_struct_na_base_pair_step.j_label_asym_id_1 
_ndb_struct_na_base_pair_step.j_label_comp_id_1 
_ndb_struct_na_base_pair_step.j_label_seq_id_1 
_ndb_struct_na_base_pair_step.j_symmetry_1 
_ndb_struct_na_base_pair_step.i_label_asym_id_2 
_ndb_struct_na_base_pair_step.i_label_comp_id_2 
_ndb_struct_na_base_pair_step.i_label_seq_id_2 
_ndb_struct_na_base_pair_step.i_symmetry_2 
_ndb_struct_na_base_pair_step.j_label_asym_id_2 
_ndb_struct_na_base_pair_step.j_label_comp_id_2 
_ndb_struct_na_base_pair_step.j_label_seq_id_2 
_ndb_struct_na_base_pair_step.j_symmetry_2 
_ndb_struct_na_base_pair_step.shift 
_ndb_struct_na_base_pair_step.slide 
_ndb_struct_na_base_pair_step.rise 
_ndb_struct_na_base_pair_step.tilt 
_ndb_struct_na_base_pair_step.roll 
_ndb_struct_na_base_pair_step.twist 
_ndb_struct_na_base_pair_step.x_displacement 
_ndb_struct_na_base_pair_step.y_displacement 
_ndb_struct_na_base_pair_step.helical_rise 
_ndb_struct_na_base_pair_step.inclination 
_ndb_struct_na_base_pair_step.tip 
_ndb_struct_na_base_pair_step.helical_twist 
_ndb_struct_na_base_pair_step.step_number 
_ndb_struct_na_base_pair_step.step_name 
_ndb_struct_na_base_pair_step.i_auth_asym_id_1 
_ndb_struct_na_base_pair_step.i_auth_seq_id_1 
_ndb_struct_na_base_pair_step.i_PDB_ins_code_1 
_ndb_struct_na_base_pair_step.j_auth_asym_id_1 
_ndb_struct_na_base_pair_step.j_auth_seq_id_1 
_ndb_struct_na_base_pair_step.j_PDB_ins_code_1 
_ndb_struct_na_base_pair_step.i_auth_asym_id_2 
_ndb_struct_na_base_pair_step.i_auth_seq_id_2 
_ndb_struct_na_base_pair_step.i_PDB_ins_code_2 
_ndb_struct_na_base_pair_step.j_auth_asym_id_2 
_ndb_struct_na_base_pair_step.j_auth_seq_id_2 
_ndb_struct_na_base_pair_step.j_PDB_ins_code_2 
1 A DT 1 1_555 C DA 4 1_555 A DG 2 1_555 C DC 3 1_555 1.564  0.183  3.073 1.609  5.335 32.714 -0.536 -2.482 3.134 9.387  -2.831 
33.173 1 AA_DT1DG2:DC15DA16_CC A 1 ? C 16 ? A 2 ? C 15 ? 
1 A DG 2 1_555 C DC 3 1_555 A DG 3 1_555 C DC 2 1_555 -1.145 0.275  3.285 -1.203 7.512 34.850 -0.663 1.693  3.307 12.361 1.979  
35.646 2 AA_DG2DG3:DC14DC15_CC A 2 ? C 15 ? A 3 ? C 14 ? 
1 A DG 3 1_555 C DC 2 1_555 A DA 4 1_555 C DT 1 1_555 0.212  -0.375 3.372 1.751  6.875 38.699 -1.394 -0.103 3.267 10.270 -2.615 
39.320 3 AA_DG3DA4:DT13DC14_CC A 3 ? C 14 ? A 4 ? C 13 ? 
1 A DG 5 1_555 B DC 4 1_555 A DC 6 1_555 B DG 3 1_555 -0.795 -1.630 3.455 1.950  6.922 30.583 -4.305 1.833  2.969 12.900 -3.633 
31.398 4 AA_DG5DC6:DG11DC12_BB A 5 ? B 12 ? A 6 ? B 11 ? 
1 A DC 6 1_555 B DG 3 1_555 A DT 7 1_555 B DA 2 1_555 -0.209 -1.549 2.920 1.721  1.989 21.177 -4.890 1.177  2.739 5.385  -4.659 
21.337 5 AA_DC6DT7:DA10DG11_BB A 6 ? B 11 ? A 7 ? B 10 ? 
1 A DT 7 1_555 B DA 2 1_555 A DG 8 1_555 B DC 1 1_555 0.826  -1.912 3.289 -6.240 2.860 28.612 -4.349 -2.901 2.848 5.684  12.402 
29.407 6 AA_DT7DG8:DC9DA10_BB  A 7 ? B 10 ? A 8 ? B 9  ? 
# 
_pdbx_nmr_spectrometer.spectrometer_id   1 
_pdbx_nmr_spectrometer.model             'DRX 600' 
_pdbx_nmr_spectrometer.manufacturer      Bruker 
_pdbx_nmr_spectrometer.field_strength    600 
# 
_atom_sites.entry_id                    1ESS 
_atom_sites.fract_transf_matrix[1][1]   1.000000 
_atom_sites.fract_transf_matrix[1][2]   0.000000 
_atom_sites.fract_transf_matrix[1][3]   0.000000 
_atom_sites.fract_transf_matrix[2][1]   0.000000 
_atom_sites.fract_transf_matrix[2][2]   1.000000 
_atom_sites.fract_transf_matrix[2][3]   0.000000 
_atom_sites.fract_transf_matrix[3][1]   0.000000 
_atom_sites.fract_transf_matrix[3][2]   0.000000 
_atom_sites.fract_transf_matrix[3][3]   1.000000 
_atom_sites.fract_transf_vector[1]      0.00000 
_atom_sites.fract_transf_vector[2]      0.00000 
_atom_sites.fract_transf_vector[3]      0.00000 
# 
loop_
_atom_type.symbol 
C 
H 
N 
O 
P 
# 
loop_
_atom_site.group_PDB 
_atom_site.id 
_atom_site.type_symbol 
_atom_site.label_atom_id 
_atom_site.label_alt_id 
_atom_site.label_comp_id 
_atom_site.label_asym_id 
_atom_site.label_entity_id 
_atom_site.label_seq_id 
_atom_site.pdbx_PDB_ins_code 
_atom_site.Cartn_x 
_atom_site.Cartn_y 
_atom_site.Cartn_z 
_atom_site.occupancy 
_atom_site.B_iso_or_equiv 
_atom_site.pdbx_formal_charge 
_atom_site.auth_seq_id 
_atom_site.auth_comp_id 
_atom_site.auth_asym_id 
_atom_site.auth_atom_id 
_atom_site.pdbx_PDB_model_num 
ATOM   1   O OP3    . DT  A 1 1 ? 4.067   -21.181 -3.981  1.00 0.00 ? 1  DT  A OP3    1 
ATOM   2   P P      . DT  A 1 1 ? 3.530   -20.547 -5.348  1.00 0.00 ? 1  DT  A P      1 
ATOM   3   O OP1    . DT  A 1 1 ? 2.133   -20.125 -5.105  1.00 0.00 ? 1  DT  A OP1    1 
ATOM   4   O OP2    . DT  A 1 1 ? 3.837   -21.488 -6.449  1.00 0.00 ? 1  DT  A OP2    1 
ATOM   5   O "O5'"  . DT  A 1 1 ? 4.448   -19.226 -5.501  1.00 0.00 ? 1  DT  A "O5'"  1 
ATOM   6   C "C5'"  . DT  A 1 1 ? 5.792   -19.317 -5.940  1.00 0.00 ? 1  DT  A "C5'"  1 
ATOM   7   C "C4'"  . DT  A 1 1 ? 6.506   -17.962 -5.924  1.00 0.00 ? 1  DT  A "C4'"  1 
ATOM   8   O "O4'"  . DT  A 1 1 ? 5.895   -17.040 -6.813  1.00 0.00 ? 1  DT  A "O4'"  1 
ATOM   9   C "C3'"  . DT  A 1 1 ? 6.608   -17.305 -4.538  1.00 0.00 ? 1  DT  A "C3'"  1 
ATOM   10  O "O3'"  . DT  A 1 1 ? 7.975   -17.156 -4.181  1.00 0.00 ? 1  DT  A "O3'"  1 
ATOM   11  C "C2'"  . DT  A 1 1 ? 5.886   -15.980 -4.737  1.00 0.00 ? 1  DT  A "C2'"  1 
ATOM   12  C "C1'"  . DT  A 1 1 ? 5.987   -15.749 -6.241  1.00 0.00 ? 1  DT  A "C1'"  1 
ATOM   13  N N1     . DT  A 1 1 ? 4.921   -14.855 -6.756  1.00 0.00 ? 1  DT  A N1     1 
ATOM   14  C C2     . DT  A 1 1 ? 5.249   -13.662 -7.409  1.00 0.00 ? 1  DT  A C2     1 
ATOM   15  O O2     . DT  A 1 1 ? 6.396   -13.228 -7.495  1.00 0.00 ? 1  DT  A O2     1 
ATOM   16  N N3     . DT  A 1 1 ? 4.194   -12.998 -8.026  1.00 0.00 ? 1  DT  A N3     1 
ATOM   17  C C4     . DT  A 1 1 ? 2.857   -13.374 -7.979  1.00 0.00 ? 1  DT  A C4     1 
ATOM   18  O O4     . DT  A 1 1 ? 2.013   -12.719 -8.587  1.00 0.00 ? 1  DT  A O4     1 
ATOM   19  C C5     . DT  A 1 1 ? 2.594   -14.572 -7.193  1.00 0.00 ? 1  DT  A C5     1 
ATOM   20  C C7     . DT  A 1 1 ? 1.172   -15.072 -7.022  1.00 0.00 ? 1  DT  A C7     1 
ATOM   21  C C6     . DT  A 1 1 ? 3.620   -15.259 -6.629  1.00 0.00 ? 1  DT  A C6     1 
ATOM   22  H "H5'"  . DT  A 1 1 ? 5.810   -19.711 -6.956  1.00 0.00 ? 1  DT  A "H5'"  1 
ATOM   23  H "H5''" . DT  A 1 1 ? 6.334   -20.004 -5.289  1.00 0.00 ? 1  DT  A "H5''" 1 
ATOM   24  H "H4'"  . DT  A 1 1 ? 7.523   -18.128 -6.283  1.00 0.00 ? 1  DT  A "H4'"  1 
ATOM   25  H "H3'"  . DT  A 1 1 ? 6.073   -17.878 -3.781  1.00 0.00 ? 1  DT  A "H3'"  1 
ATOM   26  H "H2'"  . DT  A 1 1 ? 4.854   -16.083 -4.386  1.00 0.00 ? 1  DT  A "H2'"  1 
ATOM   27  H "H2''" . DT  A 1 1 ? 6.382   -15.175 -4.222  1.00 0.00 ? 1  DT  A "H2''" 1 
ATOM   28  H "H1'"  . DT  A 1 1 ? 6.959   -15.335 -6.478  1.00 0.00 ? 1  DT  A "H1'"  1 
ATOM   29  H H3     . DT  A 1 1 ? 4.419   -12.148 -8.528  1.00 0.00 ? 1  DT  A H3     1 
ATOM   30  H H71    . DT  A 1 1 ? 0.571   -14.290 -6.556  1.00 0.00 ? 1  DT  A H71    1 
ATOM   31  H H72    . DT  A 1 1 ? 0.751   -15.313 -7.999  1.00 0.00 ? 1  DT  A H72    1 
ATOM   32  H H73    . DT  A 1 1 ? 1.149   -15.961 -6.392  1.00 0.00 ? 1  DT  A H73    1 
ATOM   33  H H6     . DT  A 1 1 ? 3.478   -16.165 -6.067  1.00 0.00 ? 1  DT  A H6     1 
ATOM   34  H "HO5'" . DT  A 1 1 ? 3.942   -20.508 -3.309  1.00 0.00 ? 1  DT  A "HO5'" 1 
ATOM   35  P P      . DG  A 1 2 ? 8.454   -16.774 -2.680  1.00 0.00 ? 2  DG  A P      1 
ATOM   36  O OP1    . DG  A 1 2 ? 9.904   -17.062 -2.589  1.00 0.00 ? 2  DG  A OP1    1 
ATOM   37  O OP2    . DG  A 1 2 ? 7.526   -17.407 -1.717  1.00 0.00 ? 2  DG  A OP2    1 
ATOM   38  O "O5'"  . DG  A 1 2 ? 8.245   -15.173 -2.619  1.00 0.00 ? 2  DG  A "O5'"  1 
ATOM   39  C "C5'"  . DG  A 1 2 ? 9.076   -14.308 -3.370  1.00 0.00 ? 2  DG  A "C5'"  1 
ATOM   40  C "C4'"  . DG  A 1 2 ? 8.621   -12.844 -3.353  1.00 0.00 ? 2  DG  A "C4'"  1 
ATOM   41  O "O4'"  . DG  A 1 2 ? 7.455   -12.604 -4.117  1.00 0.00 ? 2  DG  A "O4'"  1 
ATOM   42  C "C3'"  . DG  A 1 2 ? 8.412   -12.203 -1.975  1.00 0.00 ? 2  DG  A "C3'"  1 
ATOM   43  O "O3'"  . DG  A 1 2 ? 9.433   -11.238 -1.762  1.00 0.00 ? 2  DG  A "O3'"  1 
ATOM   44  C "C2'"  . DG  A 1 2 ? 6.993   -11.609 -2.054  1.00 0.00 ? 2  DG  A "C2'"  1 
ATOM   45  C "C1'"  . DG  A 1 2 ? 6.794   -11.480 -3.561  1.00 0.00 ? 2  DG  A "C1'"  1 
ATOM   46  N N9     . DG  A 1 2 ? 5.392   -11.499 -4.003  1.00 0.00 ? 2  DG  A N9     1 
ATOM   47  C C8     . DG  A 1 2 ? 4.451   -12.400 -3.629  1.00 0.00 ? 2  DG  A C8     1 
ATOM   48  N N7     . DG  A 1 2 ? 3.296   -12.263 -4.221  1.00 0.00 ? 2  DG  A N7     1 
ATOM   49  C C5     . DG  A 1 2 ? 3.487   -11.155 -5.053  1.00 0.00 ? 2  DG  A C5     1 
ATOM   50  C C6     . DG  A 1 2 ? 2.587   -10.494 -5.959  1.00 0.00 ? 2  DG  A C6     1 
ATOM   51  O O6     . DG  A 1 2 ? 1.409   -10.757 -6.205  1.00 0.00 ? 2  DG  A O6     1 
ATOM   52  N N1     . DG  A 1 2 ? 3.182   -9.423  -6.624  1.00 0.00 ? 2  DG  A N1     1 
ATOM   53  C C2     . DG  A 1 2 ? 4.489   -9.024  -6.430  1.00 0.00 ? 2  DG  A C2     1 
ATOM   54  N N2     . DG  A 1 2 ? 4.908   -7.962  -7.111  1.00 0.00 ? 2  DG  A N2     1 
ATOM   55  N N3     . DG  A 1 2 ? 5.340   -9.634  -5.590  1.00 0.00 ? 2  DG  A N3     1 
ATOM   56  C C4     . DG  A 1 2 ? 4.780   -10.687 -4.930  1.00 0.00 ? 2  DG  A C4     1 
ATOM   57  H "H5'"  . DG  A 1 2 ? 9.105   -14.645 -4.408  1.00 0.00 ? 2  DG  A "H5'"  1 
ATOM   58  H "H5''" . DG  A 1 2 ? 10.087  -14.360 -2.964  1.00 0.00 ? 2  DG  A "H5''" 1 
ATOM   59  H "H4'"  . DG  A 1 2 ? 9.418   -12.283 -3.845  1.00 0.00 ? 2  DG  A "H4'"  1 
ATOM   60  H "H3'"  . DG  A 1 2 ? 8.459   -12.991 -1.218  1.00 0.00 ? 2  DG  A "H3'"  1 
ATOM   61  H "H2'"  . DG  A 1 2 ? 6.220   -12.234 -1.632  1.00 0.00 ? 2  DG  A "H2'"  1 
ATOM   62  H "H2''" . DG  A 1 2 ? 6.942   -10.643 -1.551  1.00 0.00 ? 2  DG  A "H2''" 1 
ATOM   63  H "H1'"  . DG  A 1 2 ? 7.235   -10.569 -3.883  1.00 0.00 ? 2  DG  A "H1'"  1 
ATOM   64  H H8     . DG  A 1 2 ? 4.757   -13.135 -2.904  1.00 0.00 ? 2  DG  A H8     1 
ATOM   65  H H1     . DG  A 1 2 ? 2.602   -8.903  -7.272  1.00 0.00 ? 2  DG  A H1     1 
ATOM   66  H H21    . DG  A 1 2 ? 4.278   -7.483  -7.740  1.00 0.00 ? 2  DG  A H21    1 
ATOM   67  H H22    . DG  A 1 2 ? 5.845   -7.625  -6.963  1.00 0.00 ? 2  DG  A H22    1 
ATOM   68  P P      . DG  A 1 3 ? 9.699   -10.516 -0.336  1.00 0.00 ? 3  DG  A P      1 
ATOM   69  O OP1    . DG  A 1 3 ? 11.127  -10.705 0.011   1.00 0.00 ? 3  DG  A OP1    1 
ATOM   70  O OP2    . DG  A 1 3 ? 8.653   -10.929 0.625   1.00 0.00 ? 3  DG  A OP2    1 
ATOM   71  O "O5'"  . DG  A 1 3 ? 9.460   -8.964  -0.712  1.00 0.00 ? 3  DG  A "O5'"  1 
ATOM   72  C "C5'"  . DG  A 1 3 ? 10.396  -8.262  -1.512  1.00 0.00 ? 3  DG  A "C5'"  1 
ATOM   73  C "C4'"  . DG  A 1 3 ? 9.859   -6.909  -1.992  1.00 0.00 ? 3  DG  A "C4'"  1 
ATOM   74  O "O4'"  . DG  A 1 3 ? 8.693   -7.113  -2.770  1.00 0.00 ? 3  DG  A "O4'"  1 
ATOM   75  C "C3'"  . DG  A 1 3 ? 9.545   -5.899  -0.879  1.00 0.00 ? 3  DG  A "C3'"  1 
ATOM   76  O "O3'"  . DG  A 1 3 ? 10.283  -4.699  -1.100  1.00 0.00 ? 3  DG  A "O3'"  1 
ATOM   77  C "C2'"  . DG  A 1 3 ? 8.036   -5.707  -0.988  1.00 0.00 ? 3  DG  A "C2'"  1 
ATOM   78  C "C1'"  . DG  A 1 3 ? 7.720   -6.152  -2.410  1.00 0.00 ? 3  DG  A "C1'"  1 
ATOM   79  N N9     . DG  A 1 3 ? 6.435   -6.847  -2.449  1.00 0.00 ? 3  DG  A N9     1 
ATOM   80  C C8     . DG  A 1 3 ? 6.168   -7.955  -1.730  1.00 0.00 ? 3  DG  A C8     1 
ATOM   81  N N7     . DG  A 1 3 ? 4.995   -8.482  -1.942  1.00 0.00 ? 3  DG  A N7     1 
ATOM   82  C C5     . DG  A 1 3 ? 4.433   -7.617  -2.887  1.00 0.00 ? 3  DG  A C5     1 
ATOM   83  C C6     . DG  A 1 3 ? 3.154   -7.648  -3.532  1.00 0.00 ? 3  DG  A C6     1 
ATOM   84  O O6     . DG  A 1 3 ? 2.260   -8.481  -3.406  1.00 0.00 ? 3  DG  A O6     1 
ATOM   85  N N1     . DG  A 1 3 ? 2.958   -6.569  -4.391  1.00 0.00 ? 3  DG  A N1     1 
ATOM   86  C C2     . DG  A 1 3 ? 3.896   -5.583  -4.620  1.00 0.00 ? 3  DG  A C2     1 
ATOM   87  N N2     . DG  A 1 3 ? 3.559   -4.610  -5.462  1.00 0.00 ? 3  DG  A N2     1 
ATOM   88  N N3     . DG  A 1 3 ? 5.108   -5.556  -4.046  1.00 0.00 ? 3  DG  A N3     1 
ATOM   89  C C4     . DG  A 1 3 ? 5.310   -6.595  -3.188  1.00 0.00 ? 3  DG  A C4     1 
ATOM   90  H "H5'"  . DG  A 1 3 ? 10.635  -8.863  -2.391  1.00 0.00 ? 3  DG  A "H5'"  1 
ATOM   91  H "H5''" . DG  A 1 3 ? 11.312  -8.103  -0.941  1.00 0.00 ? 3  DG  A "H5''" 1 
ATOM   92  H "H4'"  . DG  A 1 3 ? 10.616  -6.468  -2.640  1.00 0.00 ? 3  DG  A "H4'"  1 
ATOM   93  H "H3'"  . DG  A 1 3 ? 9.785   -6.352  0.084   1.00 0.00 ? 3  DG  A "H3'"  1 
ATOM   94  H "H2'"  . DG  A 1 3 ? 7.455   -6.252  -0.258  1.00 0.00 ? 3  DG  A "H2'"  1 
ATOM   95  H "H2''" . DG  A 1 3 ? 7.800   -4.666  -0.853  1.00 0.00 ? 3  DG  A "H2''" 1 
ATOM   96  H "H1'"  . DG  A 1 3 ? 7.691   -5.337  -3.083  1.00 0.00 ? 3  DG  A "H1'"  1 
ATOM   97  H H8     . DG  A 1 3 ? 6.983   -8.242  -1.086  1.00 0.00 ? 3  DG  A H8     1 
ATOM   98  H H1     . DG  A 1 3 ? 2.066   -6.502  -4.863  1.00 0.00 ? 3  DG  A H1     1 
ATOM   99  H H21    . DG  A 1 3 ? 2.646   -4.602  -5.897  1.00 0.00 ? 3  DG  A H21    1 
ATOM   100 H H22    . DG  A 1 3 ? 4.212   -3.864  -5.634  1.00 0.00 ? 3  DG  A H22    1 
ATOM   101 P P      . DA  A 1 4 ? 10.280  -3.435  -0.074  1.00 0.00 ? 4  DA  A P      1 
ATOM   102 O OP1    . DA  A 1 4 ? 11.472  -2.614  -0.382  1.00 0.00 ? 4  DA  A OP1    1 
ATOM   103 O OP2    . DA  A 1 4 ? 10.089  -3.950  1.300   1.00 0.00 ? 4  DA  A OP2    1 
ATOM   104 O "O5'"  . DA  A 1 4 ? 8.961   -2.588  -0.491  1.00 0.00 ? 4  DA  A "O5'"  1 
ATOM   105 C "C5'"  . DA  A 1 4 ? 8.848   -2.009  -1.779  1.00 0.00 ? 4  DA  A "C5'"  1 
ATOM   106 C "C4'"  . DA  A 1 4 ? 7.439   -1.494  -2.104  1.00 0.00 ? 4  DA  A "C4'"  1 
ATOM   107 O "O4'"  . DA  A 1 4 ? 6.451   -2.505  -2.173  1.00 0.00 ? 4  DA  A "O4'"  1 
ATOM   108 C "C3'"  . DA  A 1 4 ? 6.935   -0.292  -1.307  1.00 0.00 ? 4  DA  A "C3'"  1 
ATOM   109 O "O3'"  . DA  A 1 4 ? 7.072   0.794   -2.200  1.00 0.00 ? 4  DA  A "O3'"  1 
ATOM   110 C "C2'"  . DA  A 1 4 ? 5.576   -0.825  -0.890  1.00 0.00 ? 4  DA  A "C2'"  1 
ATOM   111 C "C1'"  . DA  A 1 4 ? 5.193   -1.932  -1.859  1.00 0.00 ? 4  DA  A "C1'"  1 
ATOM   112 N N9     . DA  A 1 4 ? 4.428   -2.978  -1.149  1.00 0.00 ? 4  DA  A N9     1 
ATOM   113 C C8     . DA  A 1 4 ? 4.984   -3.761  -0.192  1.00 0.00 ? 4  DA  A C8     1 
ATOM   114 N N7     . DA  A 1 4 ? 4.351   -4.877  0.051   1.00 0.00 ? 4  DA  A N7     1 
ATOM   115 C C5     . DA  A 1 4 ? 3.226   -4.774  -0.771  1.00 0.00 ? 4  DA  A C5     1 
ATOM   116 C C6     . DA  A 1 4 ? 2.095   -5.603  -0.991  1.00 0.00 ? 4  DA  A C6     1 
ATOM   117 N N6     . DA  A 1 4 ? 1.949   -6.845  -0.536  1.00 0.00 ? 4  DA  A N6     1 
ATOM   118 N N1     . DA  A 1 4 ? 1.073   -5.129  -1.711  1.00 0.00 ? 4  DA  A N1     1 
ATOM   119 C C2     . DA  A 1 4 ? 1.210   -3.957  -2.310  1.00 0.00 ? 4  DA  A C2     1 
ATOM   120 N N3     . DA  A 1 4 ? 2.246   -3.116  -2.285  1.00 0.00 ? 4  DA  A N3     1 
ATOM   121 C C4     . DA  A 1 4 ? 3.234   -3.582  -1.466  1.00 0.00 ? 4  DA  A C4     1 
ATOM   122 H "H5'"  . DA  A 1 4 ? 9.110   -2.756  -2.527  1.00 0.00 ? 4  DA  A "H5'"  1 
ATOM   123 H "H5''" . DA  A 1 4 ? 9.554   -1.181  -1.858  1.00 0.00 ? 4  DA  A "H5''" 1 
ATOM   124 H "H4'"  . DA  A 1 4 ? 7.488   -1.110  -3.108  1.00 0.00 ? 4  DA  A "H4'"  1 
ATOM   125 H "H3'"  . DA  A 1 4 ? 7.436   -0.051  -0.387  1.00 0.00 ? 4  DA  A "H3'"  1 
ATOM   126 H "H2'"  . DA  A 1 4 ? 5.703   -1.220  0.116   1.00 0.00 ? 4  DA  A "H2'"  1 
ATOM   127 H "H2''" . DA  A 1 4 ? 4.814   -0.093  -0.875  1.00 0.00 ? 4  DA  A "H2''" 1 
ATOM   128 H "H1'"  . DA  A 1 4 ? 4.679   -1.548  -2.743  1.00 0.00 ? 4  DA  A "H1'"  1 
ATOM   129 H H8     . DA  A 1 4 ? 5.871   -3.350  0.272   1.00 0.00 ? 4  DA  A H8     1 
ATOM   130 H H61    . DA  A 1 4 ? 1.124   -7.364  -0.800  1.00 0.00 ? 4  DA  A H61    1 
ATOM   131 H H62    . DA  A 1 4 ? 2.700   -7.281  -0.023  1.00 0.00 ? 4  DA  A H62    1 
ATOM   132 H H2     . DA  A 1 4 ? 0.314   -3.664  -2.820  1.00 0.00 ? 4  DA  A H2     1 
ATOM   133 P P      . DG  A 1 5 ? 7.270   2.314   -1.724  1.00 0.00 ? 5  DG  A P      1 
ATOM   134 O OP1    . DG  A 1 5 ? 8.403   2.896   -2.477  1.00 0.00 ? 5  DG  A OP1    1 
ATOM   135 O OP2    . DG  A 1 5 ? 7.243   2.394   -0.246  1.00 0.00 ? 5  DG  A OP2    1 
ATOM   136 O "O5'"  . DG  A 1 5 ? 5.924   2.928   -2.274  1.00 0.00 ? 5  DG  A "O5'"  1 
ATOM   137 C "C5'"  . DG  A 1 5 ? 5.599   2.955   -3.650  1.00 0.00 ? 5  DG  A "C5'"  1 
ATOM   138 C "C4'"  . DG  A 1 5 ? 4.254   3.669   -3.675  1.00 0.00 ? 5  DG  A "C4'"  1 
ATOM   139 O "O4'"  . DG  A 1 5 ? 3.357   3.094   -2.736  1.00 0.00 ? 5  DG  A "O4'"  1 
ATOM   140 C "C3'"  . DG  A 1 5 ? 4.415   5.147   -3.348  1.00 0.00 ? 5  DG  A "C3'"  1 
ATOM   141 O "O3'"  . DG  A 1 5 ? 4.008   5.952   -4.449  1.00 0.00 ? 5  DG  A "O3'"  1 
ATOM   142 C "C2'"  . DG  A 1 5 ? 3.694   5.331   -2.050  1.00 0.00 ? 5  DG  A "C2'"  1 
ATOM   143 C "C1'"  . DG  A 1 5 ? 2.784   4.142   -1.983  1.00 0.00 ? 5  DG  A "C1'"  1 
ATOM   144 N N9     . DG  A 1 5 ? 2.656   3.694   -0.586  1.00 0.00 ? 5  DG  A N9     1 
ATOM   145 C C8     . DG  A 1 5 ? 3.644   3.282   0.278   1.00 0.00 ? 5  DG  A C8     1 
ATOM   146 N N7     . DG  A 1 5 ? 3.226   3.186   1.518   1.00 0.00 ? 5  DG  A N7     1 
ATOM   147 C C5     . DG  A 1 5 ? 1.867   3.520   1.460   1.00 0.00 ? 5  DG  A C5     1 
ATOM   148 C C6     . DG  A 1 5 ? 0.858   3.625   2.484   1.00 0.00 ? 5  DG  A C6     1 
ATOM   149 O O6     . DG  A 1 5 ? 0.967   3.479   3.702   1.00 0.00 ? 5  DG  A O6     1 
ATOM   150 N N1     . DG  A 1 5 ? -0.401  3.935   1.972   1.00 0.00 ? 5  DG  A N1     1 
ATOM   151 C C2     . DG  A 1 5 ? -0.650  4.204   0.643   1.00 0.00 ? 5  DG  A C2     1 
ATOM   152 N N2     . DG  A 1 5 ? -1.883  4.566   0.305   1.00 0.00 ? 5  DG  A N2     1 
ATOM   153 N N3     . DG  A 1 5 ? 0.284   4.150   -0.311  1.00 0.00 ? 5  DG  A N3     1 
ATOM   154 C C4     . DG  A 1 5 ? 1.511   3.789   0.159   1.00 0.00 ? 5  DG  A C4     1 
ATOM   155 H "H5'"  . DG  A 1 5 ? 5.524   1.956   -4.101  1.00 0.00 ? 5  DG  A "H5'"  1 
ATOM   156 H "H5''" . DG  A 1 5 ? 6.338   3.535   -4.206  1.00 0.00 ? 5  DG  A "H5''" 1 
ATOM   157 H "H4'"  . DG  A 1 5 ? 3.821   3.616   -4.662  1.00 0.00 ? 5  DG  A "H4'"  1 
ATOM   158 H "H3'"  . DG  A 1 5 ? 5.425   5.323   -3.060  1.00 0.00 ? 5  DG  A "H3'"  1 
ATOM   159 H "H2'"  . DG  A 1 5 ? 4.273   5.450   -1.160  1.00 0.00 ? 5  DG  A "H2'"  1 
ATOM   160 H "H2''" . DG  A 1 5 ? 3.159   6.236   -2.185  1.00 0.00 ? 5  DG  A "H2''" 1 
ATOM   161 H "H1'"  . DG  A 1 5 ? 1.857   4.487   -2.354  1.00 0.00 ? 5  DG  A "H1'"  1 
ATOM   162 H H8     . DG  A 1 5 ? 4.670   3.099   -0.064  1.00 0.00 ? 5  DG  A H8     1 
ATOM   163 H H1     . DG  A 1 5 ? -1.162  4.014   2.632   1.00 0.00 ? 5  DG  A H1     1 
ATOM   164 H H21    . DG  A 1 5 ? -2.611  4.613   1.005   1.00 0.00 ? 5  DG  A H21    1 
ATOM   165 H H22    . DG  A 1 5 ? -2.082  4.781   -0.659  1.00 0.00 ? 5  DG  A H22    1 
ATOM   166 P P      . DC  A 1 6 ? 4.126   7.566   -4.474  1.00 0.00 ? 6  DC  A P      1 
ATOM   167 O OP1    . DC  A 1 6 ? 4.142   8.006   -5.887  1.00 0.00 ? 6  DC  A OP1    1 
ATOM   168 O OP2    . DC  A 1 6 ? 5.217   7.985   -3.565  1.00 0.00 ? 6  DC  A OP2    1 
ATOM   169 O "O5'"  . DC  A 1 6 ? 2.721   8.011   -3.819  1.00 0.00 ? 6  DC  A "O5'"  1 
ATOM   170 C "C5'"  . DC  A 1 6 ? 1.491   7.683   -4.440  1.00 0.00 ? 6  DC  A "C5'"  1 
ATOM   171 C "C4'"  . DC  A 1 6 ? 0.291   8.276   -3.697  1.00 0.00 ? 6  DC  A "C4'"  1 
ATOM   172 O "O4'"  . DC  A 1 6 ? -0.052  7.568   -2.527  1.00 0.00 ? 6  DC  A "O4'"  1 
ATOM   173 C "C3'"  . DC  A 1 6 ? 0.471   9.771   -3.348  1.00 0.00 ? 6  DC  A "C3'"  1 
ATOM   174 O "O3'"  . DC  A 1 6 ? -0.543  10.487  -4.041  1.00 0.00 ? 6  DC  A "O3'"  1 
ATOM   175 C "C2'"  . DC  A 1 6 ? 0.316   9.753   -1.828  1.00 0.00 ? 6  DC  A "C2'"  1 
ATOM   176 C "C1'"  . DC  A 1 6 ? -0.490  8.493   -1.546  1.00 0.00 ? 6  DC  A "C1'"  1 
ATOM   177 N N1     . DC  A 1 6 ? -0.117  7.945   -0.229  1.00 0.00 ? 6  DC  A N1     1 
ATOM   178 C C2     . DC  A 1 6 ? -0.977  7.978   0.874   1.00 0.00 ? 6  DC  A C2     1 
ATOM   179 O O2     . DC  A 1 6 ? -2.130  8.394   0.779   1.00 0.00 ? 6  DC  A O2     1 
ATOM   180 N N3     . DC  A 1 6 ? -0.497  7.545   2.078   1.00 0.00 ? 6  DC  A N3     1 
ATOM   181 C C4     . DC  A 1 6 ? 0.758   7.081   2.188   1.00 0.00 ? 6  DC  A C4     1 
ATOM   182 N N4     . DC  A 1 6 ? 1.183   6.700   3.389   1.00 0.00 ? 6  DC  A N4     1 
ATOM   183 C C5     . DC  A 1 6 ? 1.634   7.004   1.047   1.00 0.00 ? 6  DC  A C5     1 
ATOM   184 C C6     . DC  A 1 6 ? 1.148   7.459   -0.119  1.00 0.00 ? 6  DC  A C6     1 
ATOM   185 H "H5'"  . DC  A 1 6 ? 1.381   6.599   -4.492  1.00 0.00 ? 6  DC  A "H5'"  1 
ATOM   186 H "H5''" . DC  A 1 6 ? 1.495   8.082   -5.455  1.00 0.00 ? 6  DC  A "H5''" 1 
ATOM   187 H "H4'"  . DC  A 1 6 ? -0.586  8.117   -4.314  1.00 0.00 ? 6  DC  A "H4'"  1 
ATOM   188 H "H3'"  . DC  A 1 6 ? 1.466   10.179  -3.598  1.00 0.00 ? 6  DC  A "H3'"  1 
ATOM   189 H "H2'"  . DC  A 1 6 ? 1.286   9.718   -1.323  1.00 0.00 ? 6  DC  A "H2'"  1 
ATOM   190 H "H2''" . DC  A 1 6 ? -0.219  10.609  -1.477  1.00 0.00 ? 6  DC  A "H2''" 1 
ATOM   191 H "H1'"  . DC  A 1 6 ? -1.551  8.705   -1.616  1.00 0.00 ? 6  DC  A "H1'"  1 
ATOM   192 H H41    . DC  A 1 6 ? 0.553   6.772   4.176   1.00 0.00 ? 6  DC  A H41    1 
ATOM   193 H H42    . DC  A 1 6 ? 2.108   6.319   3.501   1.00 0.00 ? 6  DC  A H42    1 
ATOM   194 H H5     . DC  A 1 6 ? 2.638   6.630   1.004   1.00 0.00 ? 6  DC  A H5     1 
ATOM   195 H H6     . DC  A 1 6 ? 1.742   7.488   -1.020  1.00 0.00 ? 6  DC  A H6     1 
ATOM   196 P P      . DT  A 1 7 ? -0.693  12.094  -3.987  1.00 0.00 ? 7  DT  A P      1 
ATOM   197 O OP1    . DT  A 1 7 ? -1.398  12.538  -5.212  1.00 0.00 ? 7  DT  A OP1    1 
ATOM   198 O OP2    . DT  A 1 7 ? 0.612   12.696  -3.634  1.00 0.00 ? 7  DT  A OP2    1 
ATOM   199 O "O5'"  . DT  A 1 7 ? -1.686  12.283  -2.735  1.00 0.00 ? 7  DT  A "O5'"  1 
ATOM   200 C "C5'"  . DT  A 1 7 ? -3.045  11.886  -2.799  1.00 0.00 ? 7  DT  A "C5'"  1 
ATOM   201 C "C4'"  . DT  A 1 7 ? -3.757  12.192  -1.477  1.00 0.00 ? 7  DT  A "C4'"  1 
ATOM   202 O "O4'"  . DT  A 1 7 ? -3.260  11.358  -0.432  1.00 0.00 ? 7  DT  A "O4'"  1 
ATOM   203 C "C3'"  . DT  A 1 7 ? -3.556  13.660  -1.063  1.00 0.00 ? 7  DT  A "C3'"  1 
ATOM   204 O "O3'"  . DT  A 1 7 ? -4.808  14.254  -0.749  1.00 0.00 ? 7  DT  A "O3'"  1 
ATOM   205 C "C2'"  . DT  A 1 7 ? -2.632  13.494  0.138   1.00 0.00 ? 7  DT  A "C2'"  1 
ATOM   206 C "C1'"  . DT  A 1 7 ? -3.063  12.168  0.711   1.00 0.00 ? 7  DT  A "C1'"  1 
ATOM   207 N N1     . DT  A 1 7 ? -2.109  11.591  1.700   1.00 0.00 ? 7  DT  A N1     1 
ATOM   208 C C2     . DT  A 1 7 ? -2.560  11.236  2.979   1.00 0.00 ? 7  DT  A C2     1 
ATOM   209 O O2     . DT  A 1 7 ? -3.726  11.365  3.346   1.00 0.00 ? 7  DT  A O2     1 
ATOM   210 N N3     . DT  A 1 7 ? -1.598  10.753  3.860   1.00 0.00 ? 7  DT  A N3     1 
ATOM   211 C C4     . DT  A 1 7 ? -0.256  10.542  3.564   1.00 0.00 ? 7  DT  A C4     1 
ATOM   212 O O4     . DT  A 1 7 ? 0.486   10.054  4.413   1.00 0.00 ? 7  DT  A O4     1 
ATOM   213 C C5     . DT  A 1 7 ? 0.138   10.970  2.228   1.00 0.00 ? 7  DT  A C5     1 
ATOM   214 C C7     . DT  A 1 7 ? 1.583   10.857  1.776   1.00 0.00 ? 7  DT  A C7     1 
ATOM   215 C C6     . DT  A 1 7 ? -0.783  11.476  1.370   1.00 0.00 ? 7  DT  A C6     1 
ATOM   216 H "H5'"  . DT  A 1 7 ? -3.116  10.820  -3.012  1.00 0.00 ? 7  DT  A "H5'"  1 
ATOM   217 H "H5''" . DT  A 1 7 ? -3.540  12.437  -3.598  1.00 0.00 ? 7  DT  A "H5''" 1 
ATOM   218 H "H4'"  . DT  A 1 7 ? -4.822  11.997  -1.603  1.00 0.00 ? 7  DT  A "H4'"  1 
ATOM   219 H "H3'"  . DT  A 1 7 ? -3.065  14.232  -1.851  1.00 0.00 ? 7  DT  A "H3'"  1 
ATOM   220 H "H2'"  . DT  A 1 7 ? -1.620  13.422  -0.181  1.00 0.00 ? 7  DT  A "H2'"  1 
ATOM   221 H "H2''" . DT  A 1 7 ? -2.687  14.277  0.861   1.00 0.00 ? 7  DT  A "H2''" 1 
ATOM   222 H "H1'"  . DT  A 1 7 ? -4.002  12.375  1.178   1.00 0.00 ? 7  DT  A "H1'"  1 
ATOM   223 H H3     . DT  A 1 7 ? -1.898  10.500  4.793   1.00 0.00 ? 7  DT  A H3     1 
ATOM   224 H H71    . DT  A 1 7 ? 1.738   9.895   1.288   1.00 0.00 ? 7  DT  A H71    1 
ATOM   225 H H72    . DT  A 1 7 ? 1.820   11.655  1.073   1.00 0.00 ? 7  DT  A H72    1 
ATOM   226 H H73    . DT  A 1 7 ? 2.253   10.935  2.634   1.00 0.00 ? 7  DT  A H73    1 
ATOM   227 H H6     . DT  A 1 7 ? -0.498  11.814  0.389   1.00 0.00 ? 7  DT  A H6     1 
ATOM   228 P P      . DG  A 1 8 ? -4.962  15.831  -0.417  1.00 0.00 ? 8  DG  A P      1 
ATOM   229 O OP1    . DG  A 1 8 ? -6.355  16.236  -0.713  1.00 0.00 ? 8  DG  A OP1    1 
ATOM   230 O OP2    . DG  A 1 8 ? -3.842  16.575  -1.035  1.00 0.00 ? 8  DG  A OP2    1 
ATOM   231 O "O5'"  . DG  A 1 8 ? -4.754  15.862  1.179   1.00 0.00 ? 8  DG  A "O5'"  1 
ATOM   232 C "C5'"  . DG  A 1 8 ? -5.781  15.439  2.054   1.00 0.00 ? 8  DG  A "C5'"  1 
ATOM   233 C "C4'"  . DG  A 1 8 ? -5.346  15.557  3.515   1.00 0.00 ? 8  DG  A "C4'"  1 
ATOM   234 O "O4'"  . DG  A 1 8 ? -4.426  14.549  3.899   1.00 0.00 ? 8  DG  A "O4'"  1 
ATOM   235 C "C3'"  . DG  A 1 8 ? -4.751  16.933  3.877   1.00 0.00 ? 8  DG  A "C3'"  1 
ATOM   236 O "O3'"  . DG  A 1 8 ? -5.376  17.477  5.026   1.00 0.00 ? 8  DG  A "O3'"  1 
ATOM   237 C "C2'"  . DG  A 1 8 ? -3.303  16.571  4.180   1.00 0.00 ? 8  DG  A "C2'"  1 
ATOM   238 C "C1'"  . DG  A 1 8 ? -3.493  15.180  4.741   1.00 0.00 ? 8  DG  A "C1'"  1 
ATOM   239 N N9     . DG  A 1 8 ? -2.284  14.419  5.022   1.00 0.00 ? 8  DG  A N9     1 
ATOM   240 C C8     . DG  A 1 8 ? -1.254  14.269  4.181   1.00 0.00 ? 8  DG  A C8     1 
ATOM   241 N N7     . DG  A 1 8 ? -0.181  13.738  4.699   1.00 0.00 ? 8  DG  A N7     1 
ATOM   242 C C5     . DG  A 1 8 ? -0.555  13.514  6.030   1.00 0.00 ? 8  DG  A C5     1 
ATOM   243 C C6     . DG  A 1 8 ? 0.185   13.003  7.150   1.00 0.00 ? 8  DG  A C6     1 
ATOM   244 O O6     . DG  A 1 8 ? 1.350   12.614  7.191   1.00 0.00 ? 8  DG  A O6     1 
ATOM   245 N N1     . DG  A 1 8 ? -0.560  13.002  8.330   1.00 0.00 ? 8  DG  A N1     1 
ATOM   246 C C2     . DG  A 1 8 ? -1.866  13.439  8.424   1.00 0.00 ? 8  DG  A C2     1 
ATOM   247 N N2     . DG  A 1 8 ? -2.455  13.364  9.613   1.00 0.00 ? 8  DG  A N2     1 
ATOM   248 N N3     . DG  A 1 8 ? -2.560  13.937  7.394   1.00 0.00 ? 8  DG  A N3     1 
ATOM   249 C C4     . DG  A 1 8 ? -1.853  13.939  6.229   1.00 0.00 ? 8  DG  A C4     1 
ATOM   250 H "H5'"  . DG  A 1 8 ? -6.063  14.409  1.840   1.00 0.00 ? 8  DG  A "H5'"  1 
ATOM   251 H "H5''" . DG  A 1 8 ? -6.654  16.075  1.903   1.00 0.00 ? 8  DG  A "H5''" 1 
ATOM   252 H "H4'"  . DG  A 1 8 ? -6.220  15.393  4.130   1.00 0.00 ? 8  DG  A "H4'"  1 
ATOM   253 H "H3'"  . DG  A 1 8 ? -4.811  17.637  3.046   1.00 0.00 ? 8  DG  A "H3'"  1 
ATOM   254 H "HO3'" . DG  A 1 8 ? -5.344  16.822  5.727   1.00 0.00 ? 8  DG  A "HO3'" 1 
ATOM   255 H "H2'"  . DG  A 1 8 ? -2.739  16.490  3.267   1.00 0.00 ? 8  DG  A "H2'"  1 
ATOM   256 H "H2''" . DG  A 1 8 ? -2.825  17.246  4.889   1.00 0.00 ? 8  DG  A "H2''" 1 
ATOM   257 H "H1'"  . DG  A 1 8 ? -3.917  15.337  5.683   1.00 0.00 ? 8  DG  A "H1'"  1 
ATOM   258 H H8     . DG  A 1 8 ? -1.486  14.650  3.212   1.00 0.00 ? 8  DG  A H8     1 
ATOM   259 H H1     . DG  A 1 8 ? -0.114  12.636  9.159   1.00 0.00 ? 8  DG  A H1     1 
ATOM   260 H H21    . DG  A 1 8 ? -1.961  12.970  10.402  1.00 0.00 ? 8  DG  A H21    1 
ATOM   261 H H22    . DG  A 1 8 ? -3.424  13.624  9.696   1.00 0.00 ? 8  DG  A H22    1 
ATOM   262 O OP3    . DC  B 2 1 ? 4.727   12.610  17.529  1.00 0.00 ? 9  DC  B OP3    1 
ATOM   263 P P      . DC  B 2 1 ? 3.920   11.416  18.227  1.00 0.00 ? 9  DC  B P      1 
ATOM   264 O OP1    . DC  B 2 1 ? 3.728   11.760  19.655  1.00 0.00 ? 9  DC  B OP1    1 
ATOM   265 O OP2    . DC  B 2 1 ? 4.608   10.164  17.852  1.00 0.00 ? 9  DC  B OP2    1 
ATOM   266 O "O5'"  . DC  B 2 1 ? 2.497   11.477  17.465  1.00 0.00 ? 9  DC  B "O5'"  1 
ATOM   267 C "C5'"  . DC  B 2 1 ? 1.537   12.466  17.787  1.00 0.00 ? 9  DC  B "C5'"  1 
ATOM   268 C "C4'"  . DC  B 2 1 ? 0.377   12.503  16.787  1.00 0.00 ? 9  DC  B "C4'"  1 
ATOM   269 O "O4'"  . DC  B 2 1 ? 0.825   12.877  15.507  1.00 0.00 ? 9  DC  B "O4'"  1 
ATOM   270 C "C3'"  . DC  B 2 1 ? -0.435  11.189  16.656  1.00 0.00 ? 9  DC  B "C3'"  1 
ATOM   271 O "O3'"  . DC  B 2 1 ? -1.806  11.489  16.894  1.00 0.00 ? 9  DC  B "O3'"  1 
ATOM   272 C "C2'"  . DC  B 2 1 ? -0.176  10.810  15.203  1.00 0.00 ? 9  DC  B "C2'"  1 
ATOM   273 C "C1'"  . DC  B 2 1 ? 0.037   12.179  14.568  1.00 0.00 ? 9  DC  B "C1'"  1 
ATOM   274 N N1     . DC  B 2 1 ? 0.770   12.087  13.288  1.00 0.00 ? 9  DC  B N1     1 
ATOM   275 C C2     . DC  B 2 1 ? 0.100   12.313  12.083  1.00 0.00 ? 9  DC  B C2     1 
ATOM   276 O O2     . DC  B 2 1 ? -1.090  12.619  12.067  1.00 0.00 ? 9  DC  B O2     1 
ATOM   277 N N3     . DC  B 2 1 ? 0.801   12.210  10.918  1.00 0.00 ? 9  DC  B N3     1 
ATOM   278 C C4     . DC  B 2 1 ? 2.095   11.870  10.926  1.00 0.00 ? 9  DC  B C4     1 
ATOM   279 N N4     . DC  B 2 1 ? 2.716   11.755  9.754   1.00 0.00 ? 9  DC  B N4     1 
ATOM   280 C C5     . DC  B 2 1 ? 2.814   11.665  12.158  1.00 0.00 ? 9  DC  B C5     1 
ATOM   281 C C6     . DC  B 2 1 ? 2.108   11.795  13.310  1.00 0.00 ? 9  DC  B C6     1 
ATOM   282 H "H5'"  . DC  B 2 1 ? 2.018   13.445  17.790  1.00 0.00 ? 9  DC  B "H5'"  1 
ATOM   283 H "H5''" . DC  B 2 1 ? 1.141   12.269  18.784  1.00 0.00 ? 9  DC  B "H5''" 1 
ATOM   284 H "H4'"  . DC  B 2 1 ? -0.271  13.331  17.060  1.00 0.00 ? 9  DC  B "H4'"  1 
ATOM   285 H "H3'"  . DC  B 2 1 ? -0.085  10.375  17.310  1.00 0.00 ? 9  DC  B "H3'"  1 
ATOM   286 H "H2'"  . DC  B 2 1 ? 0.735   10.213  15.148  1.00 0.00 ? 9  DC  B "H2'"  1 
ATOM   287 H "H2''" . DC  B 2 1 ? -1.005  10.274  14.750  1.00 0.00 ? 9  DC  B "H2''" 1 
ATOM   288 H "H1'"  . DC  B 2 1 ? -0.928  12.677  14.449  1.00 0.00 ? 9  DC  B "H1'"  1 
ATOM   289 H H41    . DC  B 2 1 ? 2.189   11.903  8.902   1.00 0.00 ? 9  DC  B H41    1 
ATOM   290 H H42    . DC  B 2 1 ? 3.684   11.486  9.716   1.00 0.00 ? 9  DC  B H42    1 
ATOM   291 H H5     . DC  B 2 1 ? 3.865   11.423  12.196  1.00 0.00 ? 9  DC  B H5     1 
ATOM   292 H H6     . DC  B 2 1 ? 2.549   11.685  14.296  1.00 0.00 ? 9  DC  B H6     1 
ATOM   293 H "HO5'" . DC  B 2 1 ? 4.779   12.383  16.599  1.00 0.00 ? 9  DC  B "HO5'" 1 
ATOM   294 P P      . DA  B 2 2 ? -2.970  10.360  16.912  1.00 0.00 ? 10 DA  B P      1 
ATOM   295 O OP1    . DA  B 2 2 ? -4.062  10.873  17.773  1.00 0.00 ? 10 DA  B OP1    1 
ATOM   296 O OP2    . DA  B 2 2 ? -2.348  9.057   17.233  1.00 0.00 ? 10 DA  B OP2    1 
ATOM   297 O "O5'"  . DA  B 2 2 ? -3.504  10.304  15.380  1.00 0.00 ? 10 DA  B "O5'"  1 
ATOM   298 C "C5'"  . DA  B 2 2 ? -4.391  11.288  14.869  1.00 0.00 ? 10 DA  B "C5'"  1 
ATOM   299 C "C4'"  . DA  B 2 2 ? -4.939  10.968  13.466  1.00 0.00 ? 10 DA  B "C4'"  1 
ATOM   300 O "O4'"  . DA  B 2 2 ? -3.991  11.185  12.437  1.00 0.00 ? 10 DA  B "O4'"  1 
ATOM   301 C "C3'"  . DA  B 2 2 ? -5.517  9.571   13.281  1.00 0.00 ? 10 DA  B "C3'"  1 
ATOM   302 O "O3'"  . DA  B 2 2 ? -6.916  9.656   13.023  1.00 0.00 ? 10 DA  B "O3'"  1 
ATOM   303 C "C2'"  . DA  B 2 2 ? -4.717  8.981   12.150  1.00 0.00 ? 10 DA  B "C2'"  1 
ATOM   304 C "C1'"  . DA  B 2 2 ? -4.217  10.208  11.436  1.00 0.00 ? 10 DA  B "C1'"  1 
ATOM   305 N N9     . DA  B 2 2 ? -3.002  9.944   10.685  1.00 0.00 ? 10 DA  B N9     1 
ATOM   306 C C8     . DA  B 2 2 ? -1.853  9.449   11.185  1.00 0.00 ? 10 DA  B C8     1 
ATOM   307 N N7     . DA  B 2 2 ? -0.898  9.300   10.305  1.00 0.00 ? 10 DA  B N7     1 
ATOM   308 C C5     . DA  B 2 2 ? -1.511  9.710   9.110   1.00 0.00 ? 10 DA  B C5     1 
ATOM   309 C C6     . DA  B 2 2 ? -1.098  9.806   7.758   1.00 0.00 ? 10 DA  B C6     1 
ATOM   310 N N6     . DA  B 2 2 ? 0.131   9.495   7.344   1.00 0.00 ? 10 DA  B N6     1 
ATOM   311 N N1     . DA  B 2 2 ? -1.979  10.240  6.830   1.00 0.00 ? 10 DA  B N1     1 
ATOM   312 C C2     . DA  B 2 2 ? -3.216  10.551  7.221   1.00 0.00 ? 10 DA  B C2     1 
ATOM   313 N N3     . DA  B 2 2 ? -3.730  10.515  8.441   1.00 0.00 ? 10 DA  B N3     1 
ATOM   314 C C4     . DA  B 2 2 ? -2.812  10.083  9.344   1.00 0.00 ? 10 DA  B C4     1 
ATOM   315 H "H5'"  . DA  B 2 2 ? -3.884  12.253  14.843  1.00 0.00 ? 10 DA  B "H5'"  1 
ATOM   316 H "H5''" . DA  B 2 2 ? -5.245  11.365  15.542  1.00 0.00 ? 10 DA  B "H5''" 1 
ATOM   317 H "H4'"  . DA  B 2 2 ? -5.776  11.626  13.307  1.00 0.00 ? 10 DA  B "H4'"  1 
ATOM   318 H "H3'"  . DA  B 2 2 ? -5.286  8.982   14.136  1.00 0.00 ? 10 DA  B "H3'"  1 
ATOM   319 H "H2'"  . DA  B 2 2 ? -3.875  8.451   12.544  1.00 0.00 ? 10 DA  B "H2'"  1 
ATOM   320 H "H2''" . DA  B 2 2 ? -5.313  8.324   11.539  1.00 0.00 ? 10 DA  B "H2''" 1 
ATOM   321 H "H1'"  . DA  B 2 2 ? -4.957  10.487  10.736  1.00 0.00 ? 10 DA  B "H1'"  1 
ATOM   322 H H8     . DA  B 2 2 ? -1.897  9.245   12.243  1.00 0.00 ? 10 DA  B H8     1 
ATOM   323 H H61    . DA  B 2 2 ? 0.349   9.561   6.359   1.00 0.00 ? 10 DA  B H61    1 
ATOM   324 H H62    . DA  B 2 2 ? 0.806   9.139   8.002   1.00 0.00 ? 10 DA  B H62    1 
ATOM   325 H H2     . DA  B 2 2 ? -3.915  10.890  6.479   1.00 0.00 ? 10 DA  B H2     1 
ATOM   326 P P      . DG  B 2 3 ? -7.884  8.361   12.918  1.00 0.00 ? 11 DG  B P      1 
ATOM   327 O OP1    . DG  B 2 3 ? -9.268  8.818   13.177  1.00 0.00 ? 11 DG  B OP1    1 
ATOM   328 O OP2    . DG  B 2 3 ? -7.309  7.277   13.744  1.00 0.00 ? 11 DG  B OP2    1 
ATOM   329 O "O5'"  . DG  B 2 3 ? -7.772  7.926   11.362  1.00 0.00 ? 11 DG  B "O5'"  1 
ATOM   330 C "C5'"  . DG  B 2 3 ? -8.421  8.662   10.338  1.00 0.00 ? 11 DG  B "C5'"  1 
ATOM   331 C "C4'"  . DG  B 2 3 ? -8.191  8.062   8.942   1.00 0.00 ? 11 DG  B "C4'"  1 
ATOM   332 O "O4'"  . DG  B 2 3 ? -6.891  8.325   8.441   1.00 0.00 ? 11 DG  B "O4'"  1 
ATOM   333 C "C3'"  . DG  B 2 3 ? -8.461  6.567   8.825   1.00 0.00 ? 11 DG  B "C3'"  1 
ATOM   334 O "O3'"  . DG  B 2 3 ? -9.523  6.357   7.901   1.00 0.00 ? 11 DG  B "O3'"  1 
ATOM   335 C "C2'"  . DG  B 2 3 ? -7.117  6.045   8.354   1.00 0.00 ? 11 DG  B "C2'"  1 
ATOM   336 C "C1'"  . DG  B 2 3 ? -6.527  7.227   7.626   1.00 0.00 ? 11 DG  B "C1'"  1 
ATOM   337 N N9     . DG  B 2 3 ? -5.053  7.168   7.450   1.00 0.00 ? 11 DG  B N9     1 
ATOM   338 C C8     . DG  B 2 3 ? -4.096  6.880   8.392   1.00 0.00 ? 11 DG  B C8     1 
ATOM   339 N N7     . DG  B 2 3 ? -2.878  6.842   7.930   1.00 0.00 ? 11 DG  B N7     1 
ATOM   340 C C5     . DG  B 2 3 ? -3.024  7.141   6.576   1.00 0.00 ? 11 DG  B C5     1 
ATOM   341 C C6     . DG  B 2 3 ? -2.040  7.225   5.536   1.00 0.00 ? 11 DG  B C6     1 
ATOM   342 O O6     . DG  B 2 3 ? -0.829  7.038   5.612   1.00 0.00 ? 11 DG  B O6     1 
ATOM   343 N N1     . DG  B 2 3 ? -2.590  7.556   4.301   1.00 0.00 ? 11 DG  B N1     1 
ATOM   344 C C2     . DG  B 2 3 ? -3.937  7.763   4.089   1.00 0.00 ? 11 DG  B C2     1 
ATOM   345 N N2     . DG  B 2 3 ? -4.305  8.049   2.842   1.00 0.00 ? 11 DG  B N2     1 
ATOM   346 N N3     . DG  B 2 3 ? -4.870  7.675   5.052   1.00 0.00 ? 11 DG  B N3     1 
ATOM   347 C C4     . DG  B 2 3 ? -4.353  7.362   6.277   1.00 0.00 ? 11 DG  B C4     1 
ATOM   348 H "H5'"  . DG  B 2 3 ? -8.065  9.692   10.346  1.00 0.00 ? 11 DG  B "H5'"  1 
ATOM   349 H "H5''" . DG  B 2 3 ? -9.493  8.661   10.536  1.00 0.00 ? 11 DG  B "H5''" 1 
ATOM   350 H "H4'"  . DG  B 2 3 ? -8.896  8.511   8.266   1.00 0.00 ? 11 DG  B "H4'"  1 
ATOM   351 H "H3'"  . DG  B 2 3 ? -8.710  6.140   9.779   1.00 0.00 ? 11 DG  B "H3'"  1 
ATOM   352 H "H2'"  . DG  B 2 3 ? -6.484  5.844   9.192   1.00 0.00 ? 11 DG  B "H2'"  1 
ATOM   353 H "H2''" . DG  B 2 3 ? -7.247  5.175   7.733   1.00 0.00 ? 11 DG  B "H2''" 1 
ATOM   354 H "H1'"  . DG  B 2 3 ? -7.036  7.240   6.676   1.00 0.00 ? 11 DG  B "H1'"  1 
ATOM   355 H H8     . DG  B 2 3 ? -4.337  6.693   9.429   1.00 0.00 ? 11 DG  B H8     1 
ATOM   356 H H1     . DG  B 2 3 ? -1.952  7.621   3.518   1.00 0.00 ? 11 DG  B H1     1 
ATOM   357 H H21    . DG  B 2 3 ? -3.611  8.119   2.111   1.00 0.00 ? 11 DG  B H21    1 
ATOM   358 H H22    . DG  B 2 3 ? -5.280  8.203   2.643   1.00 0.00 ? 11 DG  B H22    1 
ATOM   359 P P      . DC  B 2 4 ? -10.142 4.897   7.579   1.00 0.00 ? 12 DC  B P      1 
ATOM   360 O OP1    . DC  B 2 4 ? -11.563 5.080   7.200   1.00 0.00 ? 12 DC  B OP1    1 
ATOM   361 O OP2    . DC  B 2 4 ? -9.793  3.974   8.682   1.00 0.00 ? 12 DC  B OP2    1 
ATOM   362 O "O5'"  . DC  B 2 4 ? -9.308  4.466   6.267   1.00 0.00 ? 12 DC  B "O5'"  1 
ATOM   363 C "C5'"  . DC  B 2 4 ? -9.582  5.045   5.003   1.00 0.00 ? 12 DC  B "C5'"  1 
ATOM   364 C "C4'"  . DC  B 2 4 ? -8.585  4.589   3.932   1.00 0.00 ? 12 DC  B "C4'"  1 
ATOM   365 O "O4'"  . DC  B 2 4 ? -7.291  5.121   4.193   1.00 0.00 ? 12 DC  B "O4'"  1 
ATOM   366 C "C3'"  . DC  B 2 4 ? -8.473  3.059   3.772   1.00 0.00 ? 12 DC  B "C3'"  1 
ATOM   367 O "O3'"  . DC  B 2 4 ? -8.886  2.579   2.488   1.00 0.00 ? 12 DC  B "O3'"  1 
ATOM   368 C "C2'"  . DC  B 2 4 ? -6.991  2.825   4.015   1.00 0.00 ? 12 DC  B "C2'"  1 
ATOM   369 C "C1'"  . DC  B 2 4 ? -6.365  4.172   3.715   1.00 0.00 ? 12 DC  B "C1'"  1 
ATOM   370 N N1     . DC  B 2 4 ? -5.006  4.253   4.318   1.00 0.00 ? 12 DC  B N1     1 
ATOM   371 C C2     . DC  B 2 4 ? -3.896  4.202   3.465   1.00 0.00 ? 12 DC  B C2     1 
ATOM   372 O O2     . DC  B 2 4 ? -4.024  4.297   2.248   1.00 0.00 ? 12 DC  B O2     1 
ATOM   373 N N3     . DC  B 2 4 ? -2.657  4.019   4.002   1.00 0.00 ? 12 DC  B N3     1 
ATOM   374 C C4     . DC  B 2 4 ? -2.488  3.928   5.324   1.00 0.00 ? 12 DC  B C4     1 
ATOM   375 N N4     . DC  B 2 4 ? -1.250  3.758   5.779   1.00 0.00 ? 12 DC  B N4     1 
ATOM   376 C C5     . DC  B 2 4 ? -3.604  4.018   6.230   1.00 0.00 ? 12 DC  B C5     1 
ATOM   377 C C6     . DC  B 2 4 ? -4.834  4.167   5.680   1.00 0.00 ? 12 DC  B C6     1 
ATOM   378 H "H5'"  . DC  B 2 4 ? -9.537  6.132   5.085   1.00 0.00 ? 12 DC  B "H5'"  1 
ATOM   379 H "H5''" . DC  B 2 4 ? -10.586 4.757   4.693   1.00 0.00 ? 12 DC  B "H5''" 1 
ATOM   380 H "H4'"  . DC  B 2 4 ? -8.918  4.995   2.976   1.00 0.00 ? 12 DC  B "H4'"  1 
ATOM   381 H "H3'"  . DC  B 2 4 ? -9.041  2.596   4.576   1.00 0.00 ? 12 DC  B "H3'"  1 
ATOM   382 H "H2'"  . DC  B 2 4 ? -6.836  2.520   5.051   1.00 0.00 ? 12 DC  B "H2'"  1 
ATOM   383 H "H2''" . DC  B 2 4 ? -6.564  2.117   3.321   1.00 0.00 ? 12 DC  B "H2''" 1 
ATOM   384 H "H1'"  . DC  B 2 4 ? -6.311  4.283   2.631   1.00 0.00 ? 12 DC  B "H1'"  1 
ATOM   385 H H41    . DC  B 2 4 ? -0.486  3.714   5.117   1.00 0.00 ? 12 DC  B H41    1 
ATOM   386 H H42    . DC  B 2 4 ? -1.075  3.723   6.769   1.00 0.00 ? 12 DC  B H42    1 
ATOM   387 H H5     . DC  B 2 4 ? -3.520  3.986   7.308   1.00 0.00 ? 12 DC  B H5     1 
ATOM   388 H H6     . DC  B 2 4 ? -5.701  4.207   6.321   1.00 0.00 ? 12 DC  B H6     1 
ATOM   389 P P      . DT  C 3 1 ? -8.588  -8.008  -2.504  1.00 0.00 ? 13 DT  C P      1 
ATOM   390 O OP1    . DT  C 3 1 ? -10.043 -7.863  -2.733  1.00 0.00 ? 13 DT  C OP1    1 
ATOM   391 O OP2    . DT  C 3 1 ? -7.899  -9.247  -2.929  1.00 0.00 ? 13 DT  C OP2    1 
ATOM   392 O "O5'"  . DT  C 3 1 ? -7.833  -6.757  -3.166  1.00 0.00 ? 13 DT  C "O5'"  1 
ATOM   393 C "C5'"  . DT  C 3 1 ? -8.274  -5.416  -2.994  1.00 0.00 ? 13 DT  C "C5'"  1 
ATOM   394 C "C4'"  . DT  C 3 1 ? -7.267  -4.477  -3.670  1.00 0.00 ? 13 DT  C "C4'"  1 
ATOM   395 O "O4'"  . DT  C 3 1 ? -6.016  -4.605  -3.019  1.00 0.00 ? 13 DT  C "O4'"  1 
ATOM   396 C "C3'"  . DT  C 3 1 ? -7.110  -4.852  -5.152  1.00 0.00 ? 13 DT  C "C3'"  1 
ATOM   397 O "O3'"  . DT  C 3 1 ? -7.129  -3.706  -5.997  1.00 0.00 ? 13 DT  C "O3'"  1 
ATOM   398 C "C2'"  . DT  C 3 1 ? -5.753  -5.538  -5.148  1.00 0.00 ? 13 DT  C "C2'"  1 
ATOM   399 C "C1'"  . DT  C 3 1 ? -5.032  -4.868  -3.992  1.00 0.00 ? 13 DT  C "C1'"  1 
ATOM   400 N N1     . DT  C 3 1 ? -3.934  -5.663  -3.389  1.00 0.00 ? 13 DT  C N1     1 
ATOM   401 C C2     . DT  C 3 1 ? -2.651  -5.097  -3.326  1.00 0.00 ? 13 DT  C C2     1 
ATOM   402 O O2     . DT  C 3 1 ? -2.363  -4.004  -3.808  1.00 0.00 ? 13 DT  C O2     1 
ATOM   403 N N3     . DT  C 3 1 ? -1.688  -5.833  -2.651  1.00 0.00 ? 13 DT  C N3     1 
ATOM   404 C C4     . DT  C 3 1 ? -1.825  -7.135  -2.203  1.00 0.00 ? 13 DT  C C4     1 
ATOM   405 O O4     . DT  C 3 1 ? -0.848  -7.713  -1.723  1.00 0.00 ? 13 DT  C O4     1 
ATOM   406 C C5     . DT  C 3 1 ? -3.178  -7.670  -2.364  1.00 0.00 ? 13 DT  C C5     1 
ATOM   407 C C7     . DT  C 3 1 ? -3.522  -9.075  -1.953  1.00 0.00 ? 13 DT  C C7     1 
ATOM   408 C C6     . DT  C 3 1 ? -4.182  -6.921  -2.886  1.00 0.00 ? 13 DT  C C6     1 
ATOM   409 H "H5'"  . DT  C 3 1 ? -8.338  -5.175  -1.932  1.00 0.00 ? 13 DT  C "H5'"  1 
ATOM   410 H "H5''" . DT  C 3 1 ? -9.256  -5.290  -3.452  1.00 0.00 ? 13 DT  C "H5''" 1 
ATOM   411 H "H4'"  . DT  C 3 1 ? -7.569  -3.436  -3.575  1.00 0.00 ? 13 DT  C "H4'"  1 
ATOM   412 H "H3'"  . DT  C 3 1 ? -7.889  -5.547  -5.466  1.00 0.00 ? 13 DT  C "H3'"  1 
ATOM   413 H "H2'"  . DT  C 3 1 ? -5.828  -6.611  -5.000  1.00 0.00 ? 13 DT  C "H2'"  1 
ATOM   414 H "H2''" . DT  C 3 1 ? -5.270  -5.318  -6.075  1.00 0.00 ? 13 DT  C "H2''" 1 
ATOM   415 H "H1'"  . DT  C 3 1 ? -4.646  -3.938  -4.378  1.00 0.00 ? 13 DT  C "H1'"  1 
ATOM   416 H H3     . DT  C 3 1 ? -0.768  -5.425  -2.550  1.00 0.00 ? 13 DT  C H3     1 
ATOM   417 H H71    . DT  C 3 1 ? -3.256  -9.762  -2.755  1.00 0.00 ? 13 DT  C H71    1 
ATOM   418 H H72    . DT  C 3 1 ? -2.990  -9.340  -1.047  1.00 0.00 ? 13 DT  C H72    1 
ATOM   419 H H73    . DT  C 3 1 ? -4.595  -9.114  -1.777  1.00 0.00 ? 13 DT  C H73    1 
ATOM   420 H H6     . DT  C 3 1 ? -5.196  -7.334  -2.889  1.00 0.00 ? 13 DT  C H6     1 
ATOM   421 P P      . DC  C 3 2 ? -7.127  -3.818  -7.625  1.00 0.00 ? 14 DC  C P      1 
ATOM   422 O OP1    . DC  C 3 2 ? -7.904  -2.676  -8.156  1.00 0.00 ? 14 DC  C OP1    1 
ATOM   423 O OP2    . DC  C 3 2 ? -7.517  -5.196  -8.003  1.00 0.00 ? 14 DC  C OP2    1 
ATOM   424 O "O5'"  . DC  C 3 2 ? -5.571  -3.617  -8.039  1.00 0.00 ? 14 DC  C "O5'"  1 
ATOM   425 C "C5'"  . DC  C 3 2 ? -4.989  -2.324  -8.064  1.00 0.00 ? 14 DC  C "C5'"  1 
ATOM   426 C "C4'"  . DC  C 3 2 ? -3.479  -2.326  -8.336  1.00 0.00 ? 14 DC  C "C4'"  1 
ATOM   427 O "O4'"  . DC  C 3 2 ? -2.762  -2.986  -7.302  1.00 0.00 ? 14 DC  C "O4'"  1 
ATOM   428 C "C3'"  . DC  C 3 2 ? -3.007  -2.889  -9.705  1.00 0.00 ? 14 DC  C "C3'"  1 
ATOM   429 O "O3'"  . DC  C 3 2 ? -2.447  -1.853  -10.501 1.00 0.00 ? 14 DC  C "O3'"  1 
ATOM   430 C "C2'"  . DC  C 3 2 ? -2.000  -3.939  -9.249  1.00 0.00 ? 14 DC  C "C2'"  1 
ATOM   431 C "C1'"  . DC  C 3 2 ? -1.595  -3.578  -7.847  1.00 0.00 ? 14 DC  C "C1'"  1 
ATOM   432 N N1     . DC  C 3 2 ? -1.242  -4.792  -7.055  1.00 0.00 ? 14 DC  C N1     1 
ATOM   433 C C2     . DC  C 3 2 ? 0.061   -4.988  -6.588  1.00 0.00 ? 14 DC  C C2     1 
ATOM   434 O O2     . DC  C 3 2 ? 0.962   -4.199  -6.863  1.00 0.00 ? 14 DC  C O2     1 
ATOM   435 N N3     . DC  C 3 2 ? 0.324   -6.090  -5.823  1.00 0.00 ? 14 DC  C N3     1 
ATOM   436 C C4     . DC  C 3 2 ? -0.634  -6.989  -5.560  1.00 0.00 ? 14 DC  C C4     1 
ATOM   437 N N4     . DC  C 3 2 ? -0.312  -8.071  -4.857  1.00 0.00 ? 14 DC  C N4     1 
ATOM   438 C C5     . DC  C 3 2 ? -1.978  -6.823  -6.039  1.00 0.00 ? 14 DC  C C5     1 
ATOM   439 C C6     . DC  C 3 2 ? -2.217  -5.720  -6.785  1.00 0.00 ? 14 DC  C C6     1 
ATOM   440 H "H5'"  . DC  C 3 2 ? -5.160  -1.845  -7.099  1.00 0.00 ? 14 DC  C "H5'"  1 
ATOM   441 H "H5''" . DC  C 3 2 ? -5.480  -1.729  -8.834  1.00 0.00 ? 14 DC  C "H5''" 1 
ATOM   442 H "H4'"  . DC  C 3 2 ? -3.153  -1.278  -8.257  1.00 0.00 ? 14 DC  C "H4'"  1 
ATOM   443 H "H3'"  . DC  C 3 2 ? -3.788  -3.425  -10.287 1.00 0.00 ? 14 DC  C "H3'"  1 
ATOM   444 H "H2'"  . DC  C 3 2 ? -2.439  -4.939  -9.259  1.00 0.00 ? 14 DC  C "H2'"  1 
ATOM   445 H "H2''" . DC  C 3 2 ? -1.076  -3.808  -9.812  1.00 0.00 ? 14 DC  C "H2''" 1 
ATOM   446 H "H1'"  . DC  C 3 2 ? -0.752  -2.905  -7.946  1.00 0.00 ? 14 DC  C "H1'"  1 
ATOM   447 H H41    . DC  C 3 2 ? 0.630   -8.179  -4.508  1.00 0.00 ? 14 DC  C H41    1 
ATOM   448 H H42    . DC  C 3 2 ? -1.010  -8.764  -4.644  1.00 0.00 ? 14 DC  C H42    1 
ATOM   449 H H5     . DC  C 3 2 ? -2.793  -7.506  -5.837  1.00 0.00 ? 14 DC  C H5     1 
ATOM   450 H H6     . DC  C 3 2 ? -3.190  -5.542  -7.201  1.00 0.00 ? 14 DC  C H6     1 
ATOM   451 P P      . DC  C 3 3 ? -2.174  -2.026  -12.093 1.00 0.00 ? 15 DC  C P      1 
ATOM   452 O OP1    . DC  C 3 3 ? -1.977  -0.680  -12.676 1.00 0.00 ? 15 DC  C OP1    1 
ATOM   453 O OP2    . DC  C 3 3 ? -3.206  -2.919  -12.665 1.00 0.00 ? 15 DC  C OP2    1 
ATOM   454 O "O5'"  . DC  C 3 3 ? -0.767  -2.807  -12.141 1.00 0.00 ? 15 DC  C "O5'"  1 
ATOM   455 C "C5'"  . DC  C 3 3 ? 0.449   -2.150  -11.833 1.00 0.00 ? 15 DC  C "C5'"  1 
ATOM   456 C "C4'"  . DC  C 3 3 ? 1.606   -3.147  -11.723 1.00 0.00 ? 15 DC  C "C4'"  1 
ATOM   457 O "O4'"  . DC  C 3 3 ? 1.402   -3.978  -10.592 1.00 0.00 ? 15 DC  C "O4'"  1 
ATOM   458 C "C3'"  . DC  C 3 3 ? 1.784   -4.030  -12.961 1.00 0.00 ? 15 DC  C "C3'"  1 
ATOM   459 O "O3'"  . DC  C 3 3 ? 3.134   -3.992  -13.402 1.00 0.00 ? 15 DC  C "O3'"  1 
ATOM   460 C "C2'"  . DC  C 3 3 ? 1.322   -5.381  -12.449 1.00 0.00 ? 15 DC  C "C2'"  1 
ATOM   461 C "C1'"  . DC  C 3 3 ? 1.721   -5.293  -10.979 1.00 0.00 ? 15 DC  C "C1'"  1 
ATOM   462 N N1     . DC  C 3 3 ? 1.041   -6.297  -10.120 1.00 0.00 ? 15 DC  C N1     1 
ATOM   463 C C2     . DC  C 3 3 ? 1.821   -7.075  -9.253  1.00 0.00 ? 15 DC  C C2     1 
ATOM   464 O O2     . DC  C 3 3 ? 3.030   -6.890  -9.131  1.00 0.00 ? 15 DC  C O2     1 
ATOM   465 N N3     . DC  C 3 3 ? 1.223   -8.074  -8.547  1.00 0.00 ? 15 DC  C N3     1 
ATOM   466 C C4     . DC  C 3 3 ? -0.087  -8.306  -8.670  1.00 0.00 ? 15 DC  C C4     1 
ATOM   467 N N4     . DC  C 3 3 ? -0.602  -9.318  -7.975  1.00 0.00 ? 15 DC  C N4     1 
ATOM   468 C C5     . DC  C 3 3 ? -0.919  -7.505  -9.529  1.00 0.00 ? 15 DC  C C5     1 
ATOM   469 C C6     . DC  C 3 3 ? -0.315  -6.511  -10.231 1.00 0.00 ? 15 DC  C C6     1 
ATOM   470 H "H5'"  . DC  C 3 3 ? 0.349   -1.621  -10.884 1.00 0.00 ? 15 DC  C "H5'"  1 
ATOM   471 H "H5''" . DC  C 3 3 ? 0.673   -1.425  -12.616 1.00 0.00 ? 15 DC  C "H5''" 1 
ATOM   472 H "H4'"  . DC  C 3 3 ? 2.522   -2.583  -11.608 1.00 0.00 ? 15 DC  C "H4'"  1 
ATOM   473 H "H3'"  . DC  C 3 3 ? 1.122   -3.721  -13.742 1.00 0.00 ? 15 DC  C "H3'"  1 
ATOM   474 H "H2'"  . DC  C 3 3 ? 0.243   -5.431  -12.578 1.00 0.00 ? 15 DC  C "H2'"  1 
ATOM   475 H "H2''" . DC  C 3 3 ? 1.777   -6.222  -12.955 1.00 0.00 ? 15 DC  C "H2''" 1 
ATOM   476 H "H1'"  . DC  C 3 3 ? 2.801   -5.400  -10.901 1.00 0.00 ? 15 DC  C "H1'"  1 
ATOM   477 H H41    . DC  C 3 3 ? 0.012   -9.848  -7.368  1.00 0.00 ? 15 DC  C H41    1 
ATOM   478 H H42    . DC  C 3 3 ? -1.586  -9.516  -8.019  1.00 0.00 ? 15 DC  C H42    1 
ATOM   479 H H5     . DC  C 3 3 ? -1.983  -7.657  -9.628  1.00 0.00 ? 15 DC  C H5     1 
ATOM   480 H H6     . DC  C 3 3 ? -0.897  -5.860  -10.889 1.00 0.00 ? 15 DC  C H6     1 
ATOM   481 P P      . DA  C 3 4 ? 3.561   -4.325  -14.930 1.00 0.00 ? 16 DA  C P      1 
ATOM   482 O OP1    . DA  C 3 4 ? 3.548   -3.068  -15.711 1.00 0.00 ? 16 DA  C OP1    1 
ATOM   483 O OP2    . DA  C 3 4 ? 2.792   -5.494  -15.407 1.00 0.00 ? 16 DA  C OP2    1 
ATOM   484 O "O5'"  . DA  C 3 4 ? 5.091   -4.797  -14.770 1.00 0.00 ? 16 DA  C "O5'"  1 
ATOM   485 C "C5'"  . DA  C 3 4 ? 6.099   -3.953  -14.241 1.00 0.00 ? 16 DA  C "C5'"  1 
ATOM   486 C "C4'"  . DA  C 3 4 ? 7.223   -4.822  -13.660 1.00 0.00 ? 16 DA  C "C4'"  1 
ATOM   487 O "O4'"  . DA  C 3 4 ? 6.665   -5.585  -12.608 1.00 0.00 ? 16 DA  C "O4'"  1 
ATOM   488 C "C3'"  . DA  C 3 4 ? 7.827   -5.799  -14.682 1.00 0.00 ? 16 DA  C "C3'"  1 
ATOM   489 O "O3'"  . DA  C 3 4 ? 9.240   -5.841  -14.596 1.00 0.00 ? 16 DA  C "O3'"  1 
ATOM   490 C "C2'"  . DA  C 3 4 ? 7.215   -7.134  -14.305 1.00 0.00 ? 16 DA  C "C2'"  1 
ATOM   491 C "C1'"  . DA  C 3 4 ? 6.976   -6.947  -12.809 1.00 0.00 ? 16 DA  C "C1'"  1 
ATOM   492 N N9     . DA  C 3 4 ? 5.787   -7.698  -12.394 1.00 0.00 ? 16 DA  C N9     1 
ATOM   493 C C8     . DA  C 3 4 ? 4.556   -7.545  -12.944 1.00 0.00 ? 16 DA  C C8     1 
ATOM   494 N N7     . DA  C 3 4 ? 3.618   -8.262  -12.388 1.00 0.00 ? 16 DA  C N7     1 
ATOM   495 C C5     . DA  C 3 4 ? 4.308   -8.973  -11.402 1.00 0.00 ? 16 DA  C C5     1 
ATOM   496 C C6     . DA  C 3 4 ? 3.921   -9.953  -10.458 1.00 0.00 ? 16 DA  C C6     1 
ATOM   497 N N6     . DA  C 3 4 ? 2.663   -10.368 -10.308 1.00 0.00 ? 16 DA  C N6     1 
ATOM   498 N N1     . DA  C 3 4 ? 4.873   -10.560 -9.723  1.00 0.00 ? 16 DA  C N1     1 
ATOM   499 C C2     . DA  C 3 4 ? 6.134   -10.144 -9.837  1.00 0.00 ? 16 DA  C C2     1 
ATOM   500 N N3     . DA  C 3 4 ? 6.627   -9.204  -10.644 1.00 0.00 ? 16 DA  C N3     1 
ATOM   501 C C4     . DA  C 3 4 ? 5.648   -8.655  -11.420 1.00 0.00 ? 16 DA  C C4     1 
ATOM   502 H "H5'"  . DA  C 3 4 ? 5.688   -3.337  -13.441 1.00 0.00 ? 16 DA  C "H5'"  1 
ATOM   503 H "H5''" . DA  C 3 4 ? 6.487   -3.306  -15.028 1.00 0.00 ? 16 DA  C "H5''" 1 
ATOM   504 H "H4'"  . DA  C 3 4 ? 8.006   -4.185  -13.251 1.00 0.00 ? 16 DA  C "H4'"  1 
ATOM   505 H "H3'"  . DA  C 3 4 ? 7.485   -5.548  -15.682 1.00 0.00 ? 16 DA  C "H3'"  1 
ATOM   506 H "HO3'" . DA  C 3 4 ? 9.479   -6.036  -13.686 1.00 0.00 ? 16 DA  C "HO3'" 1 
ATOM   507 H "H2'"  . DA  C 3 4 ? 6.291   -7.267  -14.868 1.00 0.00 ? 16 DA  C "H2'"  1 
ATOM   508 H "H2''" . DA  C 3 4 ? 7.891   -7.967  -14.498 1.00 0.00 ? 16 DA  C "H2''" 1 
ATOM   509 H "H1'"  . DA  C 3 4 ? 7.837   -7.222  -12.233 1.00 0.00 ? 16 DA  C "H1'"  1 
ATOM   510 H H8     . DA  C 3 4 ? 4.495   -6.858  -13.778 1.00 0.00 ? 16 DA  C H8     1 
ATOM   511 H H61    . DA  C 3 4 ? 2.445   -11.068 -9.612  1.00 0.00 ? 16 DA  C H61    1 
ATOM   512 H H62    . DA  C 3 4 ? 1.929   -9.920  -10.834 1.00 0.00 ? 16 DA  C H62    1 
ATOM   513 H H2     . DA  C 3 4 ? 6.850   -10.645 -9.201  1.00 0.00 ? 16 DA  C H2     1 
HETATM 514 C C1     . ESO D 4 . ? -5.759  -0.494  3.780   1.00 0.00 ? 17 ESO B C1     1 
HETATM 515 C C2     . ESO D 4 . ? -7.083  -0.520  3.308   1.00 0.00 ? 17 ESO B C2     1 
HETATM 516 C C3     . ESO D 4 . ? -7.353  -0.135  1.971   1.00 0.00 ? 17 ESO B C3     1 
HETATM 517 O O3     . ESO D 4 . ? -8.630  0.098   1.534   1.00 0.00 ? 17 ESO B O3     1 
HETATM 518 P P      . ESO D 4 . ? -9.653  1.145   2.263   1.00 0.00 ? 17 ESO B P      1 
HETATM 519 O O1P    . ESO D 4 . ? -10.742 1.404   1.295   1.00 0.00 ? 17 ESO B O1P    1 
HETATM 520 O O2P    . ESO D 4 . ? -10.011 0.582   3.586   1.00 0.00 ? 17 ESO B O2P    1 
HETATM 521 C C4     . ESO D 4 . ? -6.275  0.030   1.068   1.00 0.00 ? 17 ESO B C4     1 
HETATM 522 C C5     . ESO D 4 . ? -4.944  0.043   1.542   1.00 0.00 ? 17 ESO B C5     1 
HETATM 523 C C6     . ESO D 4 . ? -3.808  0.315   0.561   1.00 0.00 ? 17 ESO B C6     1 
HETATM 524 C C7     . ESO D 4 . ? -2.487  0.754   1.203   1.00 0.00 ? 17 ESO B C7     1 
HETATM 525 C C8     . ESO D 4 . ? -2.165  -0.159  2.397   1.00 0.00 ? 17 ESO B C8     1 
HETATM 526 C C9     . ESO D 4 . ? -3.263  0.040   3.477   1.00 0.00 ? 17 ESO B C9     1 
HETATM 527 C C10    . ESO D 4 . ? -4.686  -0.145  2.925   1.00 0.00 ? 17 ESO B C10    1 
HETATM 528 C C11    . ESO D 4 . ? -2.933  -0.732  4.781   1.00 0.00 ? 17 ESO B C11    1 
HETATM 529 C C12    . ESO D 4 . ? -1.493  -0.514  5.298   1.00 0.00 ? 17 ESO B C12    1 
HETATM 530 C C13    . ESO D 4 . ? -0.450  -0.763  4.197   1.00 0.00 ? 17 ESO B C13    1 
HETATM 531 C C14    . ESO D 4 . ? -0.788  0.160   3.011   1.00 0.00 ? 17 ESO B C14    1 
HETATM 532 C C15    . ESO D 4 . ? 0.497   0.141   2.154   1.00 0.00 ? 17 ESO B C15    1 
HETATM 533 C C16    . ESO D 4 . ? 1.627   0.180   3.208   1.00 0.00 ? 17 ESO B C16    1 
HETATM 534 C C17    . ESO D 4 . ? 0.964   -0.307  4.480   1.00 0.00 ? 17 ESO B C17    1 
HETATM 535 O O17    . ESO D 4 . ? 1.510   -0.345  5.583   1.00 0.00 ? 17 ESO B O17    1 
HETATM 536 C C18    . ESO D 4 . ? -0.380  -2.273  3.876   1.00 0.00 ? 17 ESO B C18    1 
HETATM 537 H H1     . ESO D 4 . ? -5.605  -0.707  4.825   1.00 0.00 ? 17 ESO B H1     1 
HETATM 538 H H2     . ESO D 4 . ? -7.888  -0.800  3.980   1.00 0.00 ? 17 ESO B H2     1 
HETATM 539 H H4     . ESO D 4 . ? -6.486  0.171   0.012   1.00 0.00 ? 17 ESO B H4     1 
HETATM 540 H H61    . ESO D 4 . ? -4.106  1.069   -0.170  1.00 0.00 ? 17 ESO B H61    1 
HETATM 541 H H62    . ESO D 4 . ? -3.619  -0.603  0.005   1.00 0.00 ? 17 ESO B H62    1 
HETATM 542 H H71    . ESO D 4 . ? -2.573  1.788   1.541   1.00 0.00 ? 17 ESO B H71    1 
HETATM 543 H H72    . ESO D 4 . ? -1.696  0.694   0.455   1.00 0.00 ? 17 ESO B H72    1 
HETATM 544 H H8     . ESO D 4 . ? -2.176  -1.192  2.049   1.00 0.00 ? 17 ESO B H8     1 
HETATM 545 H H9     . ESO D 4 . ? -3.219  1.093   3.761   1.00 0.00 ? 17 ESO B H9     1 
HETATM 546 H H111   . ESO D 4 . ? -3.602  -0.397  5.573   1.00 0.00 ? 17 ESO B H111   1 
HETATM 547 H H112   . ESO D 4 . ? -3.115  -1.795  4.623   1.00 0.00 ? 17 ESO B H112   1 
HETATM 548 H H121   . ESO D 4 . ? -1.390  0.513   5.643   1.00 0.00 ? 17 ESO B H121   1 
HETATM 549 H H122   . ESO D 4 . ? -1.307  -1.174  6.146   1.00 0.00 ? 17 ESO B H122   1 
HETATM 550 H H14    . ESO D 4 . ? -0.857  1.181   3.398   1.00 0.00 ? 17 ESO B H14    1 
HETATM 551 H H151   . ESO D 4 . ? 0.546   0.998   1.484   1.00 0.00 ? 17 ESO B H151   1 
HETATM 552 H H152   . ESO D 4 . ? 0.552   -0.780  1.571   1.00 0.00 ? 17 ESO B H152   1 
HETATM 553 H H161   . ESO D 4 . ? 2.009   1.187   3.349   1.00 0.00 ? 17 ESO B H161   1 
HETATM 554 H H162   . ESO D 4 . ? 2.433   -0.494  2.933   1.00 0.00 ? 17 ESO B H162   1 
HETATM 555 H H181   . ESO D 4 . ? -0.029  -2.807  4.759   1.00 0.00 ? 17 ESO B H181   1 
HETATM 556 H H182   . ESO D 4 . ? -1.358  -2.651  3.609   1.00 0.00 ? 17 ESO B H182   1 
HETATM 557 H H183   . ESO D 4 . ? 0.313   -2.467  3.056   1.00 0.00 ? 17 ESO B H183   1 
HETATM 558 C C1     . ESO E 4 . ? -5.514  -9.256  0.957   1.00 0.00 ? 18 ESO C C1     1 
HETATM 559 C C2     . ESO E 4 . ? -6.656  -9.145  0.141   1.00 0.00 ? 18 ESO C C2     1 
HETATM 560 C C3     . ESO E 4 . ? -7.059  -7.906  -0.383  1.00 0.00 ? 18 ESO C C3     1 
HETATM 561 O O3     . ESO E 4 . ? -8.301  -7.774  -0.939  1.00 0.00 ? 18 ESO C O3     1 
HETATM 562 C C4     . ESO E 4 . ? -6.207  -6.801  -0.219  1.00 0.00 ? 18 ESO C C4     1 
HETATM 563 C C5     . ESO E 4 . ? -5.019  -6.916  0.518   1.00 0.00 ? 18 ESO C C5     1 
HETATM 564 C C6     . ESO E 4 . ? -4.138  -5.691  0.601   1.00 0.00 ? 18 ESO C C6     1 
HETATM 565 C C7     . ESO E 4 . ? -3.066  -5.743  1.677   1.00 0.00 ? 18 ESO C C7     1 
HETATM 566 C C8     . ESO E 4 . ? -2.382  -7.112  1.667   1.00 0.00 ? 18 ESO C C8     1 
HETATM 567 C C9     . ESO E 4 . ? -3.418  -8.206  2.036   1.00 0.00 ? 18 ESO C C9     1 
HETATM 568 C C10    . ESO E 4 . ? -4.674  -8.135  1.153   1.00 0.00 ? 18 ESO C C10    1 
HETATM 569 C C11    . ESO E 4 . ? -2.717  -9.587  2.123   1.00 0.00 ? 18 ESO C C11    1 
HETATM 570 C C12    . ESO E 4 . ? -1.472  -9.595  3.041   1.00 0.00 ? 18 ESO C C12    1 
HETATM 571 C C13    . ESO E 4 . ? -0.466  -8.495  2.647   1.00 0.00 ? 18 ESO C C13    1 
HETATM 572 C C14    . ESO E 4 . ? -1.227  -7.155  2.687   1.00 0.00 ? 18 ESO C C14    1 
HETATM 573 C C15    . ESO E 4 . ? -0.117  -6.081  2.702   1.00 0.00 ? 18 ESO C C15    1 
HETATM 574 C C16    . ESO E 4 . ? 0.926   -6.685  3.667   1.00 0.00 ? 18 ESO C C16    1 
HETATM 575 C C17    . ESO E 4 . ? 0.619   -8.172  3.657   1.00 0.00 ? 18 ESO C C17    1 
HETATM 576 O O17    . ESO E 4 . ? 1.159   -8.996  4.396   1.00 0.00 ? 18 ESO C O17    1 
HETATM 577 C C18    . ESO E 4 . ? 0.223   -8.800  1.292   1.00 0.00 ? 18 ESO C C18    1 
HETATM 578 H H1     . ESO E 4 . ? -5.310  -10.210 1.424   1.00 0.00 ? 18 ESO C H1     1 
HETATM 579 H H2     . ESO E 4 . ? -7.262  -9.983  -0.130  1.00 0.00 ? 18 ESO C H2     1 
HETATM 580 H H4     . ESO E 4 . ? -6.454  -5.864  -0.675  1.00 0.00 ? 18 ESO C H4     1 
HETATM 581 H H61    . ESO E 4 . ? -4.767  -4.820  0.787   1.00 0.00 ? 18 ESO C H61    1 
HETATM 582 H H62    . ESO E 4 . ? -3.654  -5.552  -0.365  1.00 0.00 ? 18 ESO C H62    1 
HETATM 583 H H71    . ESO E 4 . ? -3.498  -5.535  2.656   1.00 0.00 ? 18 ESO C H71    1 
HETATM 584 H H72    . ESO E 4 . ? -2.336  -4.985  1.414   1.00 0.00 ? 18 ESO C H72    1 
HETATM 585 H H8     . ESO E 4 . ? -2.009  -7.294  0.661   1.00 0.00 ? 18 ESO C H8     1 
HETATM 586 H H9     . ESO E 4 . ? -3.770  -7.985  3.046   1.00 0.00 ? 18 ESO C H9     1 
HETATM 587 H H111   . ESO E 4 . ? -3.416  -10.323 2.521   1.00 0.00 ? 18 ESO C H111   1 
HETATM 588 H H112   . ESO E 4 . ? -2.429  -9.904  1.122   1.00 0.00 ? 18 ESO C H112   1 
HETATM 589 H H121   . ESO E 4 . ? -1.797  -9.435  4.070   1.00 0.00 ? 18 ESO C H121   1 
HETATM 590 H H122   . ESO E 4 . ? -0.989  -10.572 2.991   1.00 0.00 ? 18 ESO C H122   1 
HETATM 591 H H14    . ESO E 4 . ? -1.697  -7.075  3.672   1.00 0.00 ? 18 ESO C H14    1 
HETATM 592 H H151   . ESO E 4 . ? -0.491  -5.129  3.079   1.00 0.00 ? 18 ESO C H151   1 
HETATM 593 H H152   . ESO E 4 . ? 0.304   -5.947  1.702   1.00 0.00 ? 18 ESO C H152   1 
HETATM 594 H H161   . ESO E 4 . ? 0.787   -6.302  4.678   1.00 0.00 ? 18 ESO C H161   1 
HETATM 595 H H162   . ESO E 4 . ? 1.940   -6.489  3.315   1.00 0.00 ? 18 ESO C H162   1 
HETATM 596 H H181   . ESO E 4 . ? 0.026   -8.004  0.579   1.00 0.00 ? 18 ESO C H181   1 
HETATM 597 H H182   . ESO E 4 . ? 1.305   -8.857  1.416   1.00 0.00 ? 18 ESO C H182   1 
HETATM 598 H H183   . ESO E 4 . ? -0.105  -9.751  0.877   1.00 0.00 ? 18 ESO C H183   1 
# 
